data_3ZQ6
#
_entry.id   3ZQ6
#
_cell.length_a   206.948
_cell.length_b   49.768
_cell.length_c   147.363
_cell.angle_alpha   90.00
_cell.angle_beta   115.04
_cell.angle_gamma   90.00
#
_symmetry.space_group_name_H-M   'C 1 2 1'
#
loop_
_entity.id
_entity.type
_entity.pdbx_description
1 polymer 'PUTATIVE ARSENICAL PUMP-DRIVING ATPASE'
2 non-polymer "ADENOSINE-5'-DIPHOSPHATE"
3 non-polymer 'TETRAFLUOROALUMINATE ION'
4 non-polymer 'MAGNESIUM ION'
5 non-polymer 'POTASSIUM ION'
6 non-polymer 'ZINC ION'
7 water water
#
_entity_poly.entity_id   1
_entity_poly.type   'polypeptide(L)'
_entity_poly.pdbx_seq_one_letter_code
;MAFKDLFKFNKGKTTFVFIGGKGGVGKTTISAATALWMARSGKKTLVISTDPAHSLSDSLEREIGHTPTKITENLYAVEI
DPEVAMEEYQAKLQEQAAMNPGMGLDMLQDQMDMASMSPGIDEAAAFDQFLRYMTTDEYDIVIFDTAPTGHTLRLLSFPE
IMDSWVGKMIKIRRQIGSMAKAFKNILPFMGDEEEEDRALQDMEATKKQINAAREVMSDPERTSFKMVVIPEEMSIYESE
RAMKALEKYSIHADGVIVNQVLPEESDCEFCNARRKLQQERLKQIREKFSDKVVAEVPLLKKEAKGIETLEKIAEQLYGE
PEPE
;
_entity_poly.pdbx_strand_id   A,B,C,D
#
# COMPACT_ATOMS: atom_id res chain seq x y z
N ALA A 2 -10.24 16.29 19.00
CA ALA A 2 -9.87 17.33 19.94
C ALA A 2 -8.84 16.81 20.94
N PHE A 3 -8.25 15.64 20.66
CA PHE A 3 -7.13 15.21 21.48
C PHE A 3 -6.01 16.26 21.50
N LYS A 4 -5.77 16.93 20.37
CA LYS A 4 -4.73 17.94 20.30
C LYS A 4 -4.99 19.08 21.28
N ASP A 5 -6.23 19.22 21.75
CA ASP A 5 -6.52 20.33 22.63
C ASP A 5 -6.09 19.99 24.06
N LEU A 6 -5.71 18.74 24.29
CA LEU A 6 -5.26 18.34 25.62
C LEU A 6 -3.81 18.79 25.89
N PHE A 7 -3.27 19.59 24.99
CA PHE A 7 -1.94 20.16 25.23
C PHE A 7 -2.00 21.68 25.40
N LYS A 8 -1.73 22.18 26.61
CA LYS A 8 -1.77 23.62 26.90
C LYS A 8 -0.38 24.24 26.91
N PHE A 9 -0.29 25.49 26.45
CA PHE A 9 0.99 26.21 26.37
C PHE A 9 0.89 27.55 27.04
N ASN A 10 1.95 27.92 27.77
CA ASN A 10 2.08 29.23 28.39
C ASN A 10 3.41 29.86 27.98
N LYS A 11 3.33 30.96 27.21
CA LYS A 11 4.53 31.65 26.72
C LYS A 11 5.57 31.75 27.83
N GLY A 12 6.79 31.27 27.56
CA GLY A 12 7.84 31.32 28.56
C GLY A 12 7.81 30.34 29.73
N LYS A 13 6.79 29.47 29.80
CA LYS A 13 6.84 28.40 30.80
C LYS A 13 6.72 27.04 30.11
N THR A 14 7.74 26.21 30.25
CA THR A 14 7.71 24.90 29.62
C THR A 14 6.49 24.09 30.02
N THR A 15 5.77 23.57 29.03
CA THR A 15 4.76 22.55 29.24
C THR A 15 5.44 21.14 29.31
N PHE A 16 5.05 20.34 30.30
CA PHE A 16 5.52 18.97 30.47
C PHE A 16 4.44 17.95 30.20
N VAL A 17 4.80 16.89 29.49
CA VAL A 17 3.87 15.80 29.18
C VAL A 17 4.58 14.48 29.41
N PHE A 18 4.01 13.60 30.24
CA PHE A 18 4.49 12.22 30.43
C PHE A 18 3.60 11.28 29.61
N ILE A 19 4.22 10.47 28.77
CA ILE A 19 3.50 9.46 27.99
C ILE A 19 3.80 8.15 28.66
N GLY A 20 2.76 7.44 29.08
CA GLY A 20 2.95 6.30 29.93
C GLY A 20 2.04 5.16 29.56
N GLY A 21 2.24 4.03 30.24
CA GLY A 21 1.45 2.86 29.97
C GLY A 21 2.24 1.58 30.16
N LYS A 22 1.55 0.47 29.99
CA LYS A 22 2.15 -0.84 30.14
C LYS A 22 3.25 -1.09 29.05
N GLY A 23 4.09 -2.09 29.27
CA GLY A 23 5.14 -2.45 28.33
C GLY A 23 4.57 -2.67 26.95
N GLY A 24 5.24 -2.11 25.94
CA GLY A 24 4.97 -2.49 24.57
C GLY A 24 3.70 -1.94 23.97
N VAL A 25 3.03 -1.00 24.65
CA VAL A 25 1.77 -0.50 24.07
C VAL A 25 1.93 0.59 23.01
N GLY A 26 3.12 1.20 22.98
CA GLY A 26 3.41 2.30 22.04
C GLY A 26 3.78 3.62 22.68
N LYS A 27 4.19 3.61 23.94
CA LYS A 27 4.67 4.86 24.57
C LYS A 27 5.69 5.62 23.69
N THR A 28 6.68 4.89 23.19
CA THR A 28 7.77 5.53 22.48
C THR A 28 7.22 6.00 21.14
N THR A 29 6.43 5.15 20.49
CA THR A 29 5.81 5.53 19.23
C THR A 29 4.98 6.82 19.39
N ILE A 30 4.15 6.89 20.41
CA ILE A 30 3.27 8.06 20.59
C ILE A 30 4.10 9.30 20.97
N SER A 31 5.13 9.09 21.80
CA SER A 31 5.99 10.19 22.22
C SER A 31 6.70 10.81 21.01
N ALA A 32 7.21 9.95 20.15
CA ALA A 32 8.03 10.43 19.04
C ALA A 32 7.12 11.08 17.99
N ALA A 33 6.00 10.43 17.69
CA ALA A 33 5.00 11.05 16.79
C ALA A 33 4.48 12.41 17.30
N THR A 34 4.18 12.48 18.61
CA THR A 34 3.66 13.71 19.19
C THR A 34 4.72 14.81 19.15
N ALA A 35 5.95 14.46 19.48
CA ALA A 35 7.03 15.43 19.45
C ALA A 35 7.27 15.98 18.03
N LEU A 36 7.24 15.12 17.04
CA LEU A 36 7.41 15.56 15.64
C LEU A 36 6.28 16.47 15.24
N TRP A 37 5.09 16.15 15.71
CA TRP A 37 3.95 16.98 15.39
C TRP A 37 4.11 18.36 16.03
N MET A 38 4.65 18.40 17.25
CA MET A 38 4.76 19.64 17.98
C MET A 38 5.80 20.50 17.31
N ALA A 39 6.89 19.85 16.90
CA ALA A 39 7.97 20.56 16.20
C ALA A 39 7.42 21.16 14.91
N ARG A 40 6.71 20.38 14.12
CA ARG A 40 6.15 20.92 12.88
C ARG A 40 5.18 22.06 13.16
N SER A 41 4.59 22.08 14.34
CA SER A 41 3.64 23.12 14.71
C SER A 41 4.34 24.38 15.18
N GLY A 42 5.66 24.35 15.26
CA GLY A 42 6.43 25.54 15.59
C GLY A 42 6.78 25.60 17.05
N LYS A 43 6.54 24.52 17.79
CA LYS A 43 6.92 24.51 19.19
C LYS A 43 8.33 23.98 19.33
N LYS A 44 9.18 24.65 20.11
CA LYS A 44 10.50 24.13 20.35
C LYS A 44 10.32 22.93 21.29
N THR A 45 10.71 21.75 20.84
CA THR A 45 10.29 20.53 21.54
C THR A 45 11.47 19.68 21.95
N LEU A 46 11.45 19.20 23.19
CA LEU A 46 12.43 18.21 23.63
C LEU A 46 11.70 16.91 24.00
N VAL A 47 12.06 15.80 23.37
CA VAL A 47 11.51 14.52 23.80
C VAL A 47 12.61 13.76 24.51
N ILE A 48 12.34 13.33 25.73
CA ILE A 48 13.32 12.69 26.59
C ILE A 48 12.86 11.25 26.98
N SER A 49 13.67 10.25 26.66
CA SER A 49 13.42 8.87 27.07
C SER A 49 13.94 8.63 28.49
N THR A 50 13.07 8.22 29.41
CA THR A 50 13.50 7.84 30.75
C THR A 50 13.49 6.32 30.97
N ASP A 51 13.18 5.56 29.92
CA ASP A 51 13.26 4.10 29.95
C ASP A 51 14.72 3.64 29.86
N PRO A 52 15.27 2.99 30.90
CA PRO A 52 16.70 2.67 30.79
C PRO A 52 17.06 1.78 29.61
N ALA A 53 16.13 1.01 29.04
CA ALA A 53 16.42 0.42 27.74
C ALA A 53 15.89 1.37 26.69
N HIS A 54 16.68 2.30 26.21
CA HIS A 54 16.11 3.34 25.34
C HIS A 54 15.59 2.81 24.00
N SER A 55 14.46 3.31 23.53
CA SER A 55 13.98 2.95 22.17
C SER A 55 13.72 4.14 21.21
N LEU A 56 13.81 5.34 21.74
CA LEU A 56 13.54 6.53 20.96
C LEU A 56 14.47 6.57 19.74
N SER A 57 15.71 6.23 19.96
CA SER A 57 16.65 6.18 18.84
C SER A 57 16.24 5.13 17.78
N ASP A 58 15.73 3.97 18.22
CA ASP A 58 15.28 2.96 17.25
C ASP A 58 14.07 3.48 16.53
N SER A 59 13.21 4.18 17.27
CA SER A 59 11.94 4.65 16.71
C SER A 59 12.11 5.79 15.71
N LEU A 60 12.98 6.75 16.04
CA LEU A 60 13.22 7.84 15.08
C LEU A 60 14.25 7.43 14.03
N GLU A 61 14.89 6.28 14.23
CA GLU A 61 16.01 5.85 13.38
C GLU A 61 17.13 6.89 13.35
N ARG A 62 17.52 7.35 14.52
CA ARG A 62 18.60 8.32 14.59
C ARG A 62 19.36 8.03 15.85
N GLU A 63 20.66 8.24 15.80
CA GLU A 63 21.54 8.13 16.97
C GLU A 63 21.22 9.29 17.92
N ILE A 64 21.10 9.02 19.21
CA ILE A 64 20.68 10.06 20.13
C ILE A 64 21.50 9.85 21.38
N GLY A 65 22.02 10.93 21.95
CA GLY A 65 22.80 10.79 23.18
C GLY A 65 22.13 11.33 24.43
N HIS A 66 22.92 11.44 25.49
CA HIS A 66 22.49 12.04 26.74
C HIS A 66 22.31 13.52 26.64
N THR A 67 23.13 14.18 25.81
CA THR A 67 22.94 15.63 25.70
C THR A 67 21.99 15.83 24.52
N PRO A 68 21.26 16.94 24.52
CA PRO A 68 20.21 17.15 23.50
C PRO A 68 20.78 17.05 22.10
N THR A 69 20.04 16.30 21.29
CA THR A 69 20.48 15.94 19.95
C THR A 69 19.44 16.52 19.04
N LYS A 70 19.83 17.22 17.97
CA LYS A 70 18.84 17.78 17.08
C LYS A 70 18.32 16.71 16.15
N ILE A 71 17.01 16.64 15.98
CA ILE A 71 16.40 15.65 15.11
C ILE A 71 15.95 16.34 13.85
N THR A 72 15.34 17.49 14.02
CA THR A 72 14.86 18.27 12.89
C THR A 72 14.51 19.67 13.39
N GLU A 73 14.10 20.56 12.51
CA GLU A 73 13.81 21.93 12.96
C GLU A 73 12.83 21.87 14.15
N ASN A 74 13.26 22.45 15.28
CA ASN A 74 12.47 22.54 16.52
C ASN A 74 12.33 21.27 17.37
N LEU A 75 12.98 20.18 16.96
CA LEU A 75 12.89 18.92 17.73
C LEU A 75 14.26 18.44 18.16
N TYR A 76 14.40 18.29 19.47
CA TYR A 76 15.63 17.82 20.10
C TYR A 76 15.27 16.56 20.89
N ALA A 77 16.22 15.68 21.08
CA ALA A 77 15.93 14.43 21.82
C ALA A 77 17.08 14.07 22.73
N VAL A 78 16.75 13.42 23.85
CA VAL A 78 17.71 12.95 24.83
C VAL A 78 17.36 11.50 25.21
N GLU A 79 18.36 10.61 25.23
CA GLU A 79 18.25 9.32 25.91
C GLU A 79 19.15 9.38 27.12
N ILE A 80 18.53 9.38 28.30
CA ILE A 80 19.27 9.59 29.55
C ILE A 80 20.33 8.50 29.80
N ASP A 81 21.55 8.91 30.11
CA ASP A 81 22.60 7.96 30.47
C ASP A 81 23.06 8.23 31.91
N PRO A 82 22.70 7.34 32.83
CA PRO A 82 22.88 7.58 34.27
C PRO A 82 24.34 7.74 34.67
N GLU A 83 25.23 7.01 34.02
CA GLU A 83 26.67 7.32 34.15
C GLU A 83 26.99 8.81 33.93
N VAL A 84 26.52 9.38 32.81
CA VAL A 84 26.77 10.79 32.55
C VAL A 84 26.01 11.65 33.56
N ALA A 85 24.79 11.23 33.92
CA ALA A 85 23.99 11.96 34.92
C ALA A 85 24.72 12.12 36.26
N MET A 86 25.38 11.05 36.70
CA MET A 86 26.26 11.12 37.87
C MET A 86 27.30 12.25 37.72
N GLU A 87 28.07 12.23 36.62
CA GLU A 87 29.07 13.28 36.36
C GLU A 87 28.48 14.67 36.50
N GLU A 88 27.40 14.93 35.77
CA GLU A 88 26.73 16.21 35.82
C GLU A 88 26.21 16.56 37.21
N TYR A 89 26.13 15.57 38.09
CA TYR A 89 25.68 15.80 39.46
C TYR A 89 26.85 16.27 40.34
N GLN A 90 27.91 15.46 40.38
CA GLN A 90 29.09 15.81 41.13
C GLN A 90 29.57 17.21 40.77
N ALA A 91 29.72 17.47 39.46
CA ALA A 91 30.21 18.75 38.97
C ALA A 91 29.39 19.94 39.48
N LYS A 92 28.07 19.77 39.56
CA LYS A 92 27.19 20.86 39.99
C LYS A 92 27.41 21.25 41.45
N LEU A 93 27.51 20.24 42.32
CA LEU A 93 27.79 20.50 43.73
C LEU A 93 28.98 19.67 44.20
N ALA A 115 27.19 4.35 42.85
CA ALA A 115 27.36 3.75 41.54
C ALA A 115 26.25 4.18 40.57
N SER A 116 26.67 4.57 39.38
CA SER A 116 25.76 4.98 38.32
C SER A 116 25.11 3.76 37.70
N MET A 117 24.95 2.71 38.51
CA MET A 117 24.42 1.44 38.05
C MET A 117 23.56 0.75 39.12
N SER A 118 23.32 1.45 40.22
CA SER A 118 22.48 0.95 41.30
C SER A 118 20.99 1.06 40.94
N PRO A 119 20.17 0.11 41.41
CA PRO A 119 18.76 0.25 41.02
C PRO A 119 18.22 1.59 41.53
N GLY A 120 17.33 2.23 40.79
CA GLY A 120 16.83 3.54 41.20
C GLY A 120 17.56 4.71 40.51
N ILE A 121 18.76 4.45 40.00
CA ILE A 121 19.55 5.54 39.40
C ILE A 121 18.82 6.13 38.16
N ASP A 122 18.15 5.29 37.38
CA ASP A 122 17.48 5.79 36.17
C ASP A 122 16.37 6.79 36.49
N GLU A 123 15.68 6.56 37.60
CA GLU A 123 14.64 7.50 37.99
C GLU A 123 15.19 8.80 38.59
N ALA A 124 16.26 8.68 39.38
CA ALA A 124 16.91 9.85 39.96
C ALA A 124 17.47 10.72 38.82
N ALA A 125 18.09 10.08 37.83
CA ALA A 125 18.62 10.84 36.68
C ALA A 125 17.51 11.46 35.85
N ALA A 126 16.34 10.80 35.77
CA ALA A 126 15.19 11.37 35.04
C ALA A 126 14.61 12.58 35.75
N PHE A 127 14.58 12.52 37.08
CA PHE A 127 14.12 13.66 37.86
C PHE A 127 15.09 14.86 37.71
N ASP A 128 16.38 14.59 37.68
CA ASP A 128 17.36 15.65 37.39
C ASP A 128 17.11 16.35 36.07
N GLN A 129 16.74 15.59 35.03
CA GLN A 129 16.40 16.20 33.76
C GLN A 129 15.22 17.13 33.91
N PHE A 130 14.21 16.70 34.65
CA PHE A 130 13.02 17.52 34.88
C PHE A 130 13.37 18.84 35.55
N LEU A 131 14.23 18.78 36.56
CA LEU A 131 14.69 19.98 37.28
C LEU A 131 15.39 20.92 36.31
N ARG A 132 16.30 20.37 35.50
CA ARG A 132 17.05 21.19 34.55
C ARG A 132 16.15 22.03 33.65
N TYR A 133 15.17 21.39 33.02
CA TYR A 133 14.35 22.07 32.02
C TYR A 133 13.26 22.93 32.64
N MET A 134 12.85 22.56 33.84
CA MET A 134 11.98 23.41 34.64
C MET A 134 12.76 24.68 34.98
N THR A 135 14.05 24.53 35.28
CA THR A 135 14.88 25.66 35.65
C THR A 135 15.12 26.65 34.51
N THR A 136 15.46 26.14 33.33
CA THR A 136 15.82 27.01 32.21
C THR A 136 14.61 27.51 31.44
N ASP A 137 13.55 26.70 31.38
CA ASP A 137 12.38 27.07 30.56
C ASP A 137 12.78 27.33 29.12
N GLU A 138 13.74 26.53 28.64
CA GLU A 138 14.25 26.71 27.28
C GLU A 138 13.31 26.13 26.21
N TYR A 139 12.47 25.16 26.57
CA TYR A 139 11.59 24.54 25.58
C TYR A 139 10.15 25.00 25.76
N ASP A 140 9.37 25.05 24.68
CA ASP A 140 7.92 25.20 24.80
C ASP A 140 7.24 23.97 25.43
N ILE A 141 7.76 22.79 25.10
CA ILE A 141 7.18 21.57 25.59
C ILE A 141 8.27 20.53 25.69
N VAL A 142 8.29 19.85 26.84
CA VAL A 142 9.14 18.71 27.07
C VAL A 142 8.26 17.45 27.20
N ILE A 143 8.60 16.42 26.45
CA ILE A 143 7.81 15.21 26.42
C ILE A 143 8.66 14.07 26.95
N PHE A 144 8.21 13.49 28.04
CA PHE A 144 8.87 12.32 28.60
C PHE A 144 8.32 10.99 28.04
N ASP A 145 9.20 10.23 27.40
CA ASP A 145 8.86 8.92 26.91
C ASP A 145 9.21 7.93 28.02
N THR A 146 8.23 7.42 28.74
CA THR A 146 8.54 6.87 30.04
C THR A 146 8.78 5.37 29.99
N ALA A 147 9.38 4.83 31.04
CA ALA A 147 9.41 3.38 31.23
C ALA A 147 7.98 2.82 31.47
N PRO A 148 7.81 1.50 31.28
CA PRO A 148 6.54 0.84 31.60
C PRO A 148 6.04 1.18 33.01
N THR A 149 4.73 1.28 33.12
CA THR A 149 4.02 1.66 34.36
C THR A 149 4.75 1.62 35.70
N GLY A 150 5.17 0.44 36.12
CA GLY A 150 5.57 0.28 37.50
C GLY A 150 6.71 1.19 37.88
N HIS A 151 7.73 1.28 37.03
CA HIS A 151 8.86 2.12 37.39
C HIS A 151 8.58 3.59 37.16
N THR A 152 7.69 3.92 36.24
CA THR A 152 7.30 5.31 36.06
C THR A 152 6.47 5.87 37.23
N LEU A 153 5.75 5.01 37.92
CA LEU A 153 5.06 5.44 39.14
C LEU A 153 6.11 5.74 40.24
N ARG A 154 7.22 4.97 40.27
CA ARG A 154 8.31 5.27 41.17
C ARG A 154 8.88 6.64 40.86
N LEU A 155 9.12 6.90 39.58
CA LEU A 155 9.68 8.18 39.17
C LEU A 155 8.76 9.33 39.65
N LEU A 156 7.48 9.20 39.38
CA LEU A 156 6.53 10.26 39.66
C LEU A 156 6.29 10.48 41.17
N SER A 157 6.54 9.47 42.00
CA SER A 157 6.40 9.68 43.45
C SER A 157 7.73 10.06 44.09
N PHE A 158 8.81 10.04 43.31
CA PHE A 158 10.14 10.35 43.85
C PHE A 158 10.34 11.81 44.36
N PRO A 159 9.72 12.79 43.70
CA PRO A 159 9.93 14.17 44.22
C PRO A 159 9.45 14.36 45.68
N GLU A 160 8.25 13.92 45.99
CA GLU A 160 7.73 14.07 47.36
C GLU A 160 8.67 13.38 48.37
N ILE A 161 9.14 12.20 48.02
CA ILE A 161 10.10 11.46 48.84
C ILE A 161 11.42 12.21 49.00
N MET A 162 11.92 12.76 47.90
CA MET A 162 13.16 13.54 47.92
C MET A 162 12.98 14.79 48.80
N ASP A 163 11.81 15.39 48.72
CA ASP A 163 11.49 16.58 49.51
C ASP A 163 11.54 16.28 51.00
N SER A 164 10.92 15.16 51.41
CA SER A 164 10.88 14.80 52.82
C SER A 164 12.27 14.49 53.30
N TRP A 165 13.01 13.71 52.52
CA TRP A 165 14.35 13.31 52.90
C TRP A 165 15.27 14.50 53.09
N VAL A 166 15.32 15.39 52.10
CA VAL A 166 16.19 16.56 52.21
C VAL A 166 15.75 17.41 53.43
N GLY A 167 14.45 17.56 53.60
CA GLY A 167 13.89 18.30 54.71
C GLY A 167 14.32 17.73 56.06
N LYS A 168 14.33 16.41 56.16
CA LYS A 168 14.77 15.77 57.39
C LYS A 168 16.28 15.95 57.61
N MET A 169 17.09 15.75 56.58
CA MET A 169 18.52 15.99 56.75
C MET A 169 18.79 17.41 57.28
N ILE A 170 18.16 18.42 56.69
CA ILE A 170 18.36 19.80 57.12
C ILE A 170 17.98 19.99 58.59
N LYS A 171 16.85 19.42 59.00
CA LYS A 171 16.34 19.56 60.35
C LYS A 171 17.31 18.96 61.35
N ILE A 172 17.67 17.70 61.15
CA ILE A 172 18.72 17.08 61.96
C ILE A 172 20.01 17.91 62.00
N ARG A 173 20.49 18.34 60.83
CA ARG A 173 21.72 19.13 60.79
C ARG A 173 21.63 20.44 61.59
N ARG A 174 20.48 21.09 61.56
CA ARG A 174 20.27 22.28 62.39
C ARG A 174 20.29 21.95 63.90
N GLN A 175 19.65 20.86 64.29
CA GLN A 175 19.62 20.47 65.70
C GLN A 175 21.01 20.18 66.26
N ILE A 176 21.79 19.41 65.51
CA ILE A 176 23.18 19.12 65.89
C ILE A 176 24.02 20.41 65.95
N GLY A 177 23.76 21.33 65.03
CA GLY A 177 24.40 22.63 65.07
C GLY A 177 24.05 23.45 66.31
N SER A 178 22.77 23.49 66.66
CA SER A 178 22.32 24.21 67.85
C SER A 178 23.00 23.67 69.10
N MET A 179 22.93 22.37 69.31
CA MET A 179 23.65 21.72 70.41
C MET A 179 25.15 22.08 70.39
N ALA A 180 25.79 21.88 69.24
CA ALA A 180 27.22 22.07 69.12
C ALA A 180 27.70 23.45 69.54
N LYS A 181 26.88 24.47 69.34
CA LYS A 181 27.29 25.84 69.63
C LYS A 181 26.60 26.38 70.89
N ALA A 182 25.93 25.49 71.62
CA ALA A 182 25.13 25.89 72.78
C ALA A 182 25.99 26.38 73.95
N PHE A 183 27.27 26.03 73.93
CA PHE A 183 28.14 26.34 75.06
C PHE A 183 29.26 27.31 74.68
N LYS A 184 29.09 28.01 73.56
CA LYS A 184 30.12 28.93 73.06
C LYS A 184 30.39 30.07 74.03
N ASN A 185 29.49 30.21 75.00
CA ASN A 185 29.58 31.26 76.01
C ASN A 185 30.22 30.75 77.31
N ILE A 186 30.57 29.46 77.32
CA ILE A 186 31.08 28.83 78.52
C ILE A 186 32.38 28.10 78.20
N LEU A 187 32.39 27.45 77.04
CA LEU A 187 33.53 26.67 76.58
C LEU A 187 34.01 27.22 75.25
N PRO A 188 35.32 27.08 74.97
CA PRO A 188 35.80 27.52 73.65
C PRO A 188 35.13 26.73 72.52
N PHE A 189 34.44 27.44 71.62
CA PHE A 189 33.79 26.84 70.46
C PHE A 189 34.49 27.34 69.18
N MET A 190 35.07 26.42 68.42
CA MET A 190 35.93 26.80 67.31
C MET A 190 35.25 26.67 65.95
N GLY A 191 33.95 26.38 65.96
CA GLY A 191 33.21 26.16 64.73
C GLY A 191 33.06 27.42 63.89
N ASP A 192 33.01 27.24 62.58
CA ASP A 192 32.82 28.35 61.65
C ASP A 192 31.32 28.51 61.31
N GLU A 193 30.65 29.45 61.98
CA GLU A 193 29.22 29.62 61.84
C GLU A 193 28.83 30.15 60.47
N GLU A 194 29.67 31.04 59.94
CA GLU A 194 29.50 31.61 58.61
C GLU A 194 29.36 30.51 57.58
N GLU A 195 30.35 29.64 57.53
CA GLU A 195 30.37 28.55 56.57
C GLU A 195 29.22 27.58 56.80
N GLU A 196 28.92 27.29 58.06
CA GLU A 196 27.81 26.40 58.36
C GLU A 196 26.50 26.99 57.83
N ASP A 197 26.29 28.29 58.05
CA ASP A 197 25.07 28.97 57.58
C ASP A 197 24.94 28.94 56.04
N ARG A 198 26.07 29.10 55.34
CA ARG A 198 26.06 28.99 53.88
C ARG A 198 25.65 27.57 53.43
N ALA A 199 26.17 26.54 54.11
CA ALA A 199 25.85 25.18 53.70
C ALA A 199 24.38 24.90 53.94
N LEU A 200 23.86 25.35 55.08
CA LEU A 200 22.42 25.20 55.33
C LEU A 200 21.60 25.92 54.26
N GLN A 201 22.03 27.13 53.89
CA GLN A 201 21.34 27.90 52.88
C GLN A 201 21.35 27.15 51.53
N ASP A 202 22.47 26.50 51.22
CA ASP A 202 22.54 25.71 49.99
C ASP A 202 21.61 24.49 50.04
N MET A 203 21.57 23.78 51.17
CA MET A 203 20.62 22.68 51.28
C MET A 203 19.18 23.15 51.14
N GLU A 204 18.85 24.30 51.71
CA GLU A 204 17.48 24.83 51.67
C GLU A 204 17.09 25.17 50.22
N ALA A 205 18.04 25.75 49.47
CA ALA A 205 17.79 26.07 48.07
C ALA A 205 17.59 24.78 47.23
N THR A 206 18.35 23.73 47.51
CA THR A 206 18.13 22.45 46.82
C THR A 206 16.73 21.94 47.12
N LYS A 207 16.34 22.01 48.39
CA LYS A 207 15.01 21.57 48.78
C LYS A 207 13.91 22.39 48.09
N LYS A 208 14.08 23.71 48.01
CA LYS A 208 13.09 24.57 47.37
C LYS A 208 12.92 24.19 45.90
N GLN A 209 14.02 23.81 45.26
CA GLN A 209 13.98 23.35 43.88
C GLN A 209 13.18 22.04 43.76
N ILE A 210 13.49 21.07 44.61
CA ILE A 210 12.78 19.80 44.59
C ILE A 210 11.28 20.04 44.83
N ASN A 211 10.99 20.90 45.77
CA ASN A 211 9.60 21.18 46.05
C ASN A 211 8.94 21.97 44.93
N ALA A 212 9.66 22.88 44.31
CA ALA A 212 9.07 23.62 43.19
C ALA A 212 8.66 22.62 42.08
N ALA A 213 9.45 21.58 41.88
CA ALA A 213 9.22 20.65 40.79
C ALA A 213 8.02 19.78 41.10
N ARG A 214 7.92 19.33 42.34
CA ARG A 214 6.75 18.59 42.80
C ARG A 214 5.49 19.41 42.51
N GLU A 215 5.61 20.74 42.63
CA GLU A 215 4.47 21.64 42.46
C GLU A 215 4.15 21.86 40.98
N VAL A 216 5.17 21.85 40.15
CA VAL A 216 4.89 22.01 38.73
C VAL A 216 4.25 20.71 38.20
N MET A 217 4.70 19.58 38.73
CA MET A 217 4.23 18.28 38.27
C MET A 217 2.76 18.02 38.56
N SER A 218 2.25 18.63 39.62
CA SER A 218 0.85 18.40 39.99
C SER A 218 -0.01 19.61 39.62
N ASP A 219 0.56 20.50 38.81
CA ASP A 219 -0.18 21.65 38.28
C ASP A 219 -0.74 21.32 36.88
N PRO A 220 -2.07 21.10 36.79
CA PRO A 220 -2.68 20.67 35.53
C PRO A 220 -2.48 21.68 34.40
N GLU A 221 -2.04 22.88 34.74
CA GLU A 221 -1.79 23.90 33.73
C GLU A 221 -0.39 23.80 33.14
N ARG A 222 0.49 23.06 33.82
CA ARG A 222 1.87 22.87 33.38
C ARG A 222 2.22 21.43 32.95
N THR A 223 1.66 20.44 33.62
CA THR A 223 2.06 19.04 33.46
C THR A 223 0.85 18.16 33.25
N SER A 224 0.92 17.25 32.28
CA SER A 224 -0.12 16.25 32.11
C SER A 224 0.47 14.87 31.82
N PHE A 225 -0.35 13.83 31.95
CA PHE A 225 0.04 12.45 31.70
C PHE A 225 -0.96 11.87 30.68
N LYS A 226 -0.48 11.35 29.55
CA LYS A 226 -1.37 10.70 28.58
C LYS A 226 -1.11 9.22 28.69
N MET A 227 -2.19 8.46 28.92
CA MET A 227 -2.07 7.03 29.14
C MET A 227 -2.23 6.28 27.80
N VAL A 228 -1.27 5.44 27.42
CA VAL A 228 -1.44 4.60 26.22
C VAL A 228 -1.85 3.18 26.64
N VAL A 229 -2.90 2.66 26.01
CA VAL A 229 -3.35 1.29 26.25
C VAL A 229 -3.49 0.59 24.88
N ILE A 230 -3.54 -0.73 24.88
CA ILE A 230 -3.99 -1.47 23.72
C ILE A 230 -5.29 -2.16 24.13
N PRO A 231 -6.09 -2.62 23.16
CA PRO A 231 -7.39 -3.18 23.55
C PRO A 231 -7.27 -4.62 24.04
N GLU A 232 -6.56 -4.81 25.14
CA GLU A 232 -6.36 -6.15 25.72
C GLU A 232 -6.46 -5.99 27.22
N GLU A 233 -7.08 -6.97 27.87
CA GLU A 233 -7.40 -6.82 29.26
C GLU A 233 -6.21 -6.55 30.14
N MET A 234 -5.08 -7.23 29.87
CA MET A 234 -3.92 -7.03 30.74
C MET A 234 -3.41 -5.60 30.72
N SER A 235 -3.50 -4.97 29.57
CA SER A 235 -3.16 -3.56 29.47
C SER A 235 -4.23 -2.65 30.12
N ILE A 236 -5.50 -2.93 29.86
CA ILE A 236 -6.60 -2.17 30.48
C ILE A 236 -6.57 -2.16 32.01
N TYR A 237 -6.41 -3.33 32.61
CA TYR A 237 -6.37 -3.45 34.06
C TYR A 237 -5.16 -2.78 34.67
N GLU A 238 -4.01 -2.94 34.04
CA GLU A 238 -2.82 -2.30 34.57
C GLU A 238 -3.03 -0.79 34.57
N SER A 239 -3.54 -0.27 33.48
CA SER A 239 -3.66 1.17 33.35
C SER A 239 -4.74 1.74 34.21
N GLU A 240 -5.77 0.93 34.50
CA GLU A 240 -6.83 1.37 35.40
C GLU A 240 -6.25 1.47 36.83
N ARG A 241 -5.44 0.50 37.24
CA ARG A 241 -4.73 0.66 38.52
C ARG A 241 -3.78 1.85 38.49
N ALA A 242 -3.06 2.03 37.39
CA ALA A 242 -2.13 3.16 37.32
C ALA A 242 -2.85 4.50 37.40
N MET A 243 -3.97 4.65 36.69
CA MET A 243 -4.69 5.93 36.72
C MET A 243 -5.12 6.28 38.16
N LYS A 244 -5.43 5.26 38.95
CA LYS A 244 -5.87 5.49 40.30
C LYS A 244 -4.67 5.99 41.10
N ALA A 245 -3.54 5.30 40.97
CA ALA A 245 -2.35 5.73 41.67
C ALA A 245 -1.93 7.15 41.25
N LEU A 246 -2.17 7.50 39.99
CA LEU A 246 -1.83 8.83 39.46
C LEU A 246 -2.71 9.94 40.06
N GLU A 247 -4.00 9.72 40.10
CA GLU A 247 -4.88 10.76 40.61
C GLU A 247 -4.85 10.81 42.13
N LYS A 248 -4.09 9.90 42.72
CA LYS A 248 -3.70 9.99 44.12
C LYS A 248 -2.58 11.02 44.31
N TYR A 249 -1.53 10.94 43.50
CA TYR A 249 -0.39 11.88 43.53
C TYR A 249 -0.78 13.26 42.94
N SER A 250 -2.05 13.46 42.63
CA SER A 250 -2.47 14.66 41.90
C SER A 250 -1.74 14.95 40.57
N ILE A 251 -1.38 13.91 39.81
CA ILE A 251 -0.85 14.11 38.46
C ILE A 251 -2.03 14.19 37.50
N HIS A 252 -2.11 15.22 36.67
CA HIS A 252 -3.27 15.43 35.79
C HIS A 252 -3.26 14.41 34.63
N ALA A 253 -4.06 13.37 34.70
CA ALA A 253 -4.05 12.36 33.62
C ALA A 253 -5.34 12.48 32.82
N ASP A 254 -5.30 13.22 31.71
CA ASP A 254 -6.55 13.69 31.09
C ASP A 254 -6.92 12.97 29.79
N GLY A 255 -6.00 12.18 29.25
CA GLY A 255 -6.22 11.57 27.94
C GLY A 255 -5.76 10.12 27.92
N VAL A 256 -6.52 9.29 27.23
CA VAL A 256 -6.18 7.89 27.00
C VAL A 256 -6.09 7.67 25.49
N ILE A 257 -4.98 7.10 25.04
CA ILE A 257 -4.83 6.71 23.65
C ILE A 257 -4.88 5.18 23.55
N VAL A 258 -5.78 4.67 22.71
CA VAL A 258 -5.87 3.24 22.47
C VAL A 258 -5.12 2.95 21.19
N ASN A 259 -4.00 2.26 21.30
CA ASN A 259 -3.11 2.07 20.18
C ASN A 259 -3.27 0.66 19.61
N GLN A 260 -2.81 0.44 18.37
CA GLN A 260 -2.77 -0.89 17.77
C GLN A 260 -4.15 -1.48 17.56
N VAL A 261 -5.11 -0.62 17.26
CA VAL A 261 -6.48 -1.05 16.97
C VAL A 261 -6.63 -1.60 15.55
N LEU A 262 -6.95 -2.89 15.44
CA LEU A 262 -7.14 -3.54 14.14
C LEU A 262 -8.18 -2.84 13.28
N PRO A 263 -7.81 -2.48 12.05
CA PRO A 263 -8.71 -1.80 11.12
C PRO A 263 -9.81 -2.73 10.60
N GLU A 264 -10.95 -2.16 10.22
CA GLU A 264 -12.05 -2.91 9.61
C GLU A 264 -11.59 -3.76 8.44
N GLU A 265 -10.76 -3.20 7.57
CA GLU A 265 -10.23 -3.95 6.43
C GLU A 265 -9.64 -5.29 6.91
N SER A 266 -10.51 -6.18 7.38
CA SER A 266 -10.10 -7.47 7.88
C SER A 266 -11.07 -8.56 7.41
N ASP A 267 -10.85 -9.05 6.20
CA ASP A 267 -11.74 -10.02 5.57
C ASP A 267 -11.60 -11.43 6.16
N CYS A 268 -10.48 -11.69 6.81
CA CYS A 268 -10.17 -13.06 7.20
C CYS A 268 -10.71 -13.46 8.57
N GLU A 269 -10.87 -14.75 8.78
CA GLU A 269 -11.52 -15.25 9.98
C GLU A 269 -10.66 -15.04 11.23
N PHE A 270 -9.34 -15.15 11.08
CA PHE A 270 -8.43 -14.90 12.19
C PHE A 270 -8.57 -13.44 12.66
N CYS A 271 -8.46 -12.50 11.73
CA CYS A 271 -8.70 -11.07 12.01
C CYS A 271 -10.04 -10.77 12.63
N ASN A 272 -11.06 -11.48 12.19
CA ASN A 272 -12.40 -11.13 12.57
C ASN A 272 -12.63 -11.44 14.03
N ALA A 273 -12.13 -12.59 14.46
CA ALA A 273 -12.17 -12.97 15.85
C ALA A 273 -11.44 -11.93 16.71
N ARG A 274 -10.22 -11.58 16.30
CA ARG A 274 -9.42 -10.62 17.08
C ARG A 274 -10.07 -9.22 17.12
N ARG A 275 -10.60 -8.79 15.99
CA ARG A 275 -11.17 -7.45 15.90
C ARG A 275 -12.43 -7.38 16.72
N LYS A 276 -13.22 -8.45 16.67
CA LYS A 276 -14.46 -8.52 17.45
C LYS A 276 -14.18 -8.43 18.96
N LEU A 277 -13.13 -9.11 19.40
CA LEU A 277 -12.67 -9.00 20.77
C LEU A 277 -12.07 -7.61 21.07
N GLN A 278 -11.26 -7.04 20.17
CA GLN A 278 -10.77 -5.68 20.41
C GLN A 278 -11.92 -4.66 20.60
N GLN A 279 -12.96 -4.74 19.76
CA GLN A 279 -14.11 -3.82 19.86
C GLN A 279 -14.89 -3.95 21.18
N GLU A 280 -14.88 -5.14 21.76
CA GLU A 280 -15.45 -5.28 23.09
C GLU A 280 -14.53 -4.67 24.16
N ARG A 281 -13.21 -4.76 23.95
CA ARG A 281 -12.27 -4.15 24.87
C ARG A 281 -12.38 -2.62 24.76
N LEU A 282 -12.64 -2.13 23.56
CA LEU A 282 -12.81 -0.70 23.37
C LEU A 282 -14.00 -0.22 24.16
N LYS A 283 -15.05 -1.04 24.21
CA LYS A 283 -16.18 -0.65 25.01
C LYS A 283 -15.80 -0.58 26.48
N GLN A 284 -15.05 -1.57 26.96
CA GLN A 284 -14.64 -1.54 28.36
C GLN A 284 -13.78 -0.33 28.65
N ILE A 285 -12.91 0.00 27.70
CA ILE A 285 -12.02 1.12 27.89
C ILE A 285 -12.84 2.37 27.99
N ARG A 286 -13.81 2.53 27.10
CA ARG A 286 -14.57 3.78 27.15
C ARG A 286 -15.41 3.83 28.45
N GLU A 287 -15.76 2.69 29.01
CA GLU A 287 -16.48 2.66 30.27
C GLU A 287 -15.52 2.90 31.46
N LYS A 288 -14.35 2.25 31.46
CA LYS A 288 -13.46 2.44 32.60
C LYS A 288 -12.79 3.83 32.63
N PHE A 289 -12.63 4.47 31.47
CA PHE A 289 -12.03 5.80 31.44
C PHE A 289 -13.07 6.83 30.99
N SER A 290 -14.30 6.67 31.48
CA SER A 290 -15.43 7.43 30.97
C SER A 290 -15.31 8.92 31.31
N ASP A 291 -14.46 9.23 32.28
CA ASP A 291 -14.24 10.62 32.66
C ASP A 291 -13.07 11.26 31.89
N LYS A 292 -12.50 10.52 30.94
CA LYS A 292 -11.33 11.02 30.21
C LYS A 292 -11.67 11.15 28.73
N VAL A 293 -10.81 11.83 27.98
CA VAL A 293 -10.88 11.82 26.53
C VAL A 293 -10.16 10.58 26.00
N VAL A 294 -10.81 9.81 25.13
CA VAL A 294 -10.26 8.58 24.58
C VAL A 294 -10.09 8.70 23.08
N ALA A 295 -8.89 8.48 22.56
CA ALA A 295 -8.68 8.50 21.11
C ALA A 295 -7.98 7.20 20.66
N GLU A 296 -8.19 6.82 19.39
CA GLU A 296 -7.67 5.57 18.87
C GLU A 296 -6.56 5.82 17.89
N VAL A 297 -5.59 4.91 17.87
CA VAL A 297 -4.63 4.89 16.79
C VAL A 297 -4.64 3.51 16.16
N PRO A 298 -4.94 3.45 14.85
CA PRO A 298 -4.99 2.17 14.15
C PRO A 298 -3.64 1.46 14.09
N LEU A 299 -3.71 0.14 14.12
CA LEU A 299 -2.57 -0.68 13.80
C LEU A 299 -2.25 -0.56 12.31
N LEU A 300 -0.98 -0.33 12.01
CA LEU A 300 -0.55 -0.17 10.63
C LEU A 300 -0.24 -1.50 9.99
N LYS A 301 -0.19 -1.53 8.65
CA LYS A 301 0.26 -2.69 7.87
C LYS A 301 1.73 -3.01 8.10
N LYS A 302 2.44 -2.13 8.77
CA LYS A 302 3.87 -2.36 9.02
C LYS A 302 4.21 -1.89 10.42
N GLU A 303 5.46 -1.98 10.81
CA GLU A 303 5.86 -1.49 12.13
C GLU A 303 5.84 0.03 12.17
N ALA A 304 5.48 0.61 13.33
CA ALA A 304 5.53 2.06 13.55
C ALA A 304 6.96 2.35 13.88
N LYS A 305 7.65 2.98 12.93
CA LYS A 305 9.07 3.18 13.07
C LYS A 305 9.44 4.13 11.92
N GLY A 306 10.35 5.09 12.15
CA GLY A 306 10.79 5.97 11.07
C GLY A 306 9.94 7.22 11.02
N ILE A 307 10.58 8.37 10.83
CA ILE A 307 9.94 9.67 10.93
C ILE A 307 8.70 9.83 10.06
N GLU A 308 8.77 9.34 8.84
CA GLU A 308 7.66 9.55 7.91
C GLU A 308 6.43 8.80 8.41
N THR A 309 6.65 7.58 8.87
CA THR A 309 5.57 6.79 9.43
C THR A 309 5.04 7.43 10.72
N LEU A 310 5.94 7.95 11.57
CA LEU A 310 5.51 8.61 12.81
C LEU A 310 4.68 9.87 12.55
N GLU A 311 5.07 10.65 11.55
CA GLU A 311 4.27 11.83 11.20
C GLU A 311 2.86 11.52 10.69
N LYS A 312 2.71 10.42 9.95
CA LYS A 312 1.38 9.99 9.52
C LYS A 312 0.49 9.55 10.68
N ILE A 313 1.08 8.95 11.71
CA ILE A 313 0.33 8.58 12.91
C ILE A 313 -0.09 9.86 13.62
N ALA A 314 0.85 10.82 13.74
CA ALA A 314 0.54 12.10 14.38
C ALA A 314 -0.58 12.84 13.63
N GLU A 315 -0.51 12.83 12.31
CA GLU A 315 -1.50 13.56 11.51
C GLU A 315 -2.92 13.00 11.69
N GLN A 316 -3.04 11.68 11.80
CA GLN A 316 -4.35 11.07 12.01
C GLN A 316 -4.88 11.30 13.42
N LEU A 317 -3.98 11.37 14.39
CA LEU A 317 -4.36 11.60 15.78
C LEU A 317 -4.68 13.06 16.14
N TYR A 318 -3.81 13.96 15.67
CA TYR A 318 -3.88 15.37 16.05
C TYR A 318 -4.37 16.27 14.91
N GLY A 319 -4.48 15.74 13.71
CA GLY A 319 -4.81 16.56 12.56
C GLY A 319 -3.54 17.16 11.95
N GLU A 320 -3.70 17.95 10.90
CA GLU A 320 -2.54 18.57 10.28
C GLU A 320 -1.89 19.56 11.23
N PRO A 321 -0.55 19.62 11.26
CA PRO A 321 0.20 20.55 12.12
C PRO A 321 -0.16 21.97 11.75
N GLU A 322 -0.26 22.87 12.74
CA GLU A 322 -0.56 24.29 12.48
C GLU A 322 0.70 25.15 12.30
N ALA B 2 13.10 -29.49 20.87
CA ALA B 2 13.89 -29.87 22.02
C ALA B 2 14.06 -28.71 23.00
N PHE B 3 13.25 -27.66 22.82
CA PHE B 3 13.37 -26.46 23.64
C PHE B 3 13.29 -26.77 25.15
N LYS B 4 12.33 -27.62 25.53
CA LYS B 4 12.24 -28.08 26.93
C LYS B 4 13.55 -28.66 27.48
N ASP B 5 14.48 -29.06 26.61
CA ASP B 5 15.73 -29.61 27.11
C ASP B 5 16.63 -28.52 27.68
N LEU B 6 16.21 -27.25 27.53
CA LEU B 6 17.00 -26.12 28.01
C LEU B 6 16.81 -25.87 29.50
N PHE B 7 15.93 -26.65 30.11
CA PHE B 7 15.69 -26.57 31.55
C PHE B 7 16.36 -27.75 32.23
N LYS B 8 17.48 -27.50 32.93
CA LYS B 8 18.18 -28.55 33.65
C LYS B 8 17.75 -28.60 35.10
N PHE B 9 17.57 -29.82 35.60
CA PHE B 9 17.14 -30.06 36.96
C PHE B 9 18.15 -30.90 37.70
N ASN B 10 18.43 -30.51 38.94
CA ASN B 10 19.30 -31.27 39.81
C ASN B 10 18.55 -31.48 41.13
N LYS B 11 17.93 -32.65 41.29
CA LYS B 11 17.10 -32.90 42.48
C LYS B 11 17.78 -32.48 43.79
N GLY B 12 17.02 -31.83 44.67
CA GLY B 12 17.57 -31.29 45.90
C GLY B 12 18.12 -29.88 45.75
N LYS B 13 18.33 -29.45 44.51
CA LYS B 13 18.89 -28.12 44.26
C LYS B 13 17.98 -27.29 43.35
N THR B 14 17.61 -26.10 43.82
CA THR B 14 16.68 -25.24 43.08
C THR B 14 17.26 -24.79 41.73
N THR B 15 16.56 -25.10 40.64
CA THR B 15 16.85 -24.48 39.33
C THR B 15 16.20 -23.09 39.20
N PHE B 16 16.96 -22.12 38.70
CA PHE B 16 16.43 -20.76 38.54
C PHE B 16 16.28 -20.38 37.07
N VAL B 17 15.15 -19.80 36.72
CA VAL B 17 14.96 -19.32 35.36
C VAL B 17 14.44 -17.89 35.36
N PHE B 18 15.13 -17.01 34.64
CA PHE B 18 14.67 -15.65 34.43
C PHE B 18 14.08 -15.55 33.06
N ILE B 19 12.85 -15.08 32.97
CA ILE B 19 12.22 -14.88 31.66
C ILE B 19 12.24 -13.37 31.46
N GLY B 20 12.87 -12.87 30.38
CA GLY B 20 13.07 -11.44 30.23
C GLY B 20 12.69 -11.02 28.84
N GLY B 21 12.81 -9.73 28.57
CA GLY B 21 12.53 -9.15 27.26
C GLY B 21 11.95 -7.76 27.34
N LYS B 22 11.69 -7.16 26.16
CA LYS B 22 11.10 -5.83 26.05
C LYS B 22 9.66 -5.82 26.60
N GLY B 23 9.11 -4.63 26.89
CA GLY B 23 7.76 -4.56 27.41
C GLY B 23 6.74 -5.21 26.50
N GLY B 24 5.74 -5.90 27.05
CA GLY B 24 4.62 -6.35 26.23
C GLY B 24 4.85 -7.57 25.32
N VAL B 25 6.02 -8.19 25.37
CA VAL B 25 6.34 -9.21 24.36
C VAL B 25 5.75 -10.57 24.83
N GLY B 26 5.48 -10.71 26.12
CA GLY B 26 4.86 -11.93 26.68
C GLY B 26 5.64 -12.61 27.79
N LYS B 27 6.47 -11.88 28.53
CA LYS B 27 7.25 -12.47 29.65
C LYS B 27 6.30 -13.18 30.63
N THR B 28 5.22 -12.51 30.97
CA THR B 28 4.34 -13.00 32.03
C THR B 28 3.61 -14.22 31.50
N THR B 29 3.11 -14.11 30.28
CA THR B 29 2.43 -15.22 29.61
C THR B 29 3.31 -16.46 29.52
N ILE B 30 4.55 -16.26 29.10
CA ILE B 30 5.49 -17.35 28.98
C ILE B 30 5.91 -17.90 30.36
N SER B 31 6.11 -17.00 31.32
CA SER B 31 6.47 -17.43 32.65
C SER B 31 5.36 -18.30 33.22
N ALA B 32 4.14 -17.86 33.02
CA ALA B 32 3.03 -18.55 33.66
C ALA B 32 2.78 -19.85 32.92
N ALA B 33 2.85 -19.82 31.59
CA ALA B 33 2.67 -21.05 30.85
C ALA B 33 3.76 -22.04 31.25
N THR B 34 4.99 -21.56 31.38
CA THR B 34 6.14 -22.41 31.73
C THR B 34 5.94 -23.04 33.12
N ALA B 35 5.57 -22.21 34.08
CA ALA B 35 5.33 -22.63 35.45
C ALA B 35 4.23 -23.70 35.53
N LEU B 36 3.14 -23.50 34.80
CA LEU B 36 2.09 -24.52 34.80
C LEU B 36 2.61 -25.83 34.23
N TRP B 37 3.41 -25.74 33.16
CA TRP B 37 3.95 -26.93 32.55
C TRP B 37 4.88 -27.68 33.50
N MET B 38 5.74 -26.95 34.22
CA MET B 38 6.65 -27.59 35.17
C MET B 38 5.85 -28.31 36.25
N ALA B 39 4.79 -27.66 36.71
CA ALA B 39 3.97 -28.20 37.79
C ALA B 39 3.20 -29.46 37.35
N ARG B 40 2.61 -29.42 36.17
CA ARG B 40 1.93 -30.57 35.63
C ARG B 40 2.94 -31.70 35.48
N SER B 41 4.19 -31.32 35.22
CA SER B 41 5.27 -32.29 35.09
C SER B 41 5.79 -32.85 36.41
N GLY B 42 5.21 -32.43 37.53
CA GLY B 42 5.61 -32.98 38.82
C GLY B 42 6.71 -32.20 39.54
N LYS B 43 7.17 -31.10 38.92
CA LYS B 43 8.16 -30.21 39.57
C LYS B 43 7.46 -29.26 40.53
N LYS B 44 7.95 -29.17 41.76
CA LYS B 44 7.39 -28.19 42.67
C LYS B 44 7.90 -26.81 42.24
N THR B 45 6.97 -25.93 41.86
CA THR B 45 7.31 -24.77 41.06
C THR B 45 6.84 -23.49 41.73
N LEU B 46 7.72 -22.50 41.78
CA LEU B 46 7.34 -21.17 42.27
C LEU B 46 7.60 -20.17 41.14
N VAL B 47 6.60 -19.37 40.80
CA VAL B 47 6.76 -18.30 39.81
C VAL B 47 6.58 -16.96 40.53
N ILE B 48 7.55 -16.08 40.36
CA ILE B 48 7.62 -14.86 41.14
C ILE B 48 7.63 -13.66 40.19
N SER B 49 6.64 -12.78 40.26
CA SER B 49 6.69 -11.54 39.49
C SER B 49 7.63 -10.52 40.13
N THR B 50 8.60 -10.02 39.36
CA THR B 50 9.48 -8.96 39.89
C THR B 50 9.14 -7.61 39.27
N ASP B 51 8.14 -7.60 38.40
CA ASP B 51 7.68 -6.37 37.77
C ASP B 51 6.85 -5.56 38.76
N PRO B 52 7.31 -4.34 39.14
CA PRO B 52 6.54 -3.58 40.14
C PRO B 52 5.09 -3.38 39.76
N ALA B 53 4.76 -3.33 38.46
CA ALA B 53 3.35 -3.40 38.09
C ALA B 53 3.05 -4.86 37.80
N HIS B 54 2.48 -5.59 38.75
CA HIS B 54 2.39 -7.06 38.60
C HIS B 54 1.29 -7.46 37.65
N SER B 55 1.55 -8.46 36.81
CA SER B 55 0.50 -8.97 35.92
C SER B 55 0.18 -10.46 36.07
N LEU B 56 0.90 -11.16 36.93
CA LEU B 56 0.69 -12.60 37.09
C LEU B 56 -0.74 -12.91 37.50
N SER B 57 -1.27 -12.08 38.39
CA SER B 57 -2.65 -12.24 38.85
C SER B 57 -3.61 -12.11 37.69
N ASP B 58 -3.39 -11.12 36.83
CA ASP B 58 -4.26 -10.96 35.68
C ASP B 58 -4.11 -12.14 34.72
N SER B 59 -2.88 -12.59 34.54
CA SER B 59 -2.60 -13.70 33.61
C SER B 59 -3.23 -15.02 34.08
N LEU B 60 -3.01 -15.35 35.34
CA LEU B 60 -3.50 -16.63 35.87
C LEU B 60 -4.95 -16.53 36.32
N GLU B 61 -5.47 -15.30 36.32
CA GLU B 61 -6.82 -14.98 36.70
C GLU B 61 -7.15 -15.40 38.15
N ARG B 62 -6.19 -15.24 39.06
CA ARG B 62 -6.31 -15.64 40.47
C ARG B 62 -5.74 -14.48 41.24
N GLU B 63 -6.26 -14.23 42.44
CA GLU B 63 -5.62 -13.29 43.37
C GLU B 63 -4.34 -13.93 43.90
N ILE B 64 -3.24 -13.19 43.80
CA ILE B 64 -1.93 -13.63 44.25
C ILE B 64 -1.36 -12.54 45.16
N GLY B 65 -0.80 -12.93 46.30
CA GLY B 65 -0.18 -11.95 47.17
C GLY B 65 1.34 -12.04 47.21
N HIS B 66 1.92 -11.39 48.21
CA HIS B 66 3.37 -11.43 48.41
C HIS B 66 3.79 -12.77 48.95
N THR B 67 2.91 -13.37 49.74
CA THR B 67 3.09 -14.72 50.27
C THR B 67 2.84 -15.76 49.20
N PRO B 68 3.74 -16.74 49.07
CA PRO B 68 3.48 -17.80 48.09
C PRO B 68 2.03 -18.27 48.14
N THR B 69 1.43 -18.29 46.95
CA THR B 69 0.00 -18.49 46.82
C THR B 69 -0.21 -19.68 45.93
N LYS B 70 -0.91 -20.67 46.43
CA LYS B 70 -1.11 -21.90 45.69
C LYS B 70 -1.98 -21.62 44.49
N ILE B 71 -1.60 -22.18 43.34
CA ILE B 71 -2.36 -22.02 42.13
C ILE B 71 -2.98 -23.34 41.69
N THR B 72 -2.16 -24.38 41.68
CA THR B 72 -2.61 -25.73 41.39
C THR B 72 -1.61 -26.65 42.06
N GLU B 73 -1.82 -27.96 41.97
CA GLU B 73 -0.85 -28.89 42.55
C GLU B 73 0.55 -28.63 42.01
N ASN B 74 1.48 -28.44 42.95
CA ASN B 74 2.89 -28.23 42.63
C ASN B 74 3.21 -26.83 42.15
N LEU B 75 2.22 -25.94 42.08
CA LEU B 75 2.49 -24.56 41.60
C LEU B 75 2.08 -23.49 42.58
N TYR B 76 3.04 -22.67 42.95
CA TYR B 76 2.79 -21.52 43.81
C TYR B 76 3.23 -20.23 43.10
N ALA B 77 2.74 -19.07 43.54
CA ALA B 77 3.06 -17.82 42.86
C ALA B 77 3.20 -16.69 43.88
N VAL B 78 4.01 -15.70 43.53
CA VAL B 78 4.29 -14.56 44.39
C VAL B 78 4.30 -13.28 43.55
N GLU B 79 3.62 -12.23 44.00
CA GLU B 79 3.75 -10.91 43.41
C GLU B 79 4.42 -10.07 44.49
N ILE B 80 5.68 -9.73 44.26
CA ILE B 80 6.48 -9.07 45.28
C ILE B 80 5.82 -7.77 45.75
N ASP B 81 5.71 -7.61 47.07
CA ASP B 81 5.27 -6.34 47.65
C ASP B 81 6.39 -5.76 48.48
N PRO B 82 7.06 -4.71 47.97
CA PRO B 82 8.30 -4.21 48.63
C PRO B 82 8.11 -3.68 50.05
N GLU B 83 6.93 -3.19 50.40
CA GLU B 83 6.71 -2.76 51.77
C GLU B 83 6.71 -3.95 52.74
N VAL B 84 6.00 -5.01 52.37
CA VAL B 84 6.05 -6.20 53.18
C VAL B 84 7.47 -6.75 53.22
N ALA B 85 8.23 -6.62 52.13
CA ALA B 85 9.63 -7.06 52.14
C ALA B 85 10.49 -6.27 53.13
N MET B 86 10.14 -5.01 53.35
CA MET B 86 10.92 -4.13 54.22
C MET B 86 10.67 -4.37 55.71
N GLU B 87 9.42 -4.51 56.10
CA GLU B 87 9.11 -4.82 57.49
C GLU B 87 9.63 -6.22 57.83
N GLU B 88 9.56 -7.12 56.84
CA GLU B 88 10.16 -8.45 56.95
C GLU B 88 11.66 -8.35 57.15
N TYR B 89 12.30 -7.43 56.42
CA TYR B 89 13.75 -7.24 56.49
C TYR B 89 14.18 -6.58 57.79
N GLN B 90 13.39 -5.64 58.29
CA GLN B 90 13.70 -5.01 59.57
C GLN B 90 13.31 -5.94 60.73
N ALA B 91 12.52 -6.96 60.41
CA ALA B 91 12.08 -7.95 61.41
C ALA B 91 13.18 -8.95 61.77
N LYS B 92 14.17 -9.10 60.89
CA LYS B 92 15.27 -10.03 61.13
C LYS B 92 16.43 -9.34 61.86
N ASP B 106 14.55 6.83 64.91
CA ASP B 106 13.79 7.43 63.82
C ASP B 106 14.67 8.03 62.72
N MET B 107 15.98 7.94 62.92
CA MET B 107 16.92 8.20 61.83
C MET B 107 16.64 7.12 60.80
N LEU B 108 16.43 5.90 61.28
CA LEU B 108 16.19 4.75 60.43
C LEU B 108 14.73 4.61 60.01
N GLN B 109 13.82 4.70 60.97
CA GLN B 109 12.40 4.56 60.69
C GLN B 109 11.98 5.35 59.44
N ASP B 110 12.12 6.66 59.48
CA ASP B 110 11.79 7.48 58.32
C ASP B 110 12.55 6.98 57.10
N GLN B 111 13.80 6.57 57.30
CA GLN B 111 14.61 6.05 56.22
C GLN B 111 14.04 4.76 55.63
N MET B 112 13.63 3.83 56.50
CA MET B 112 13.05 2.60 56.03
C MET B 112 11.72 2.81 55.30
N ASP B 113 10.88 3.69 55.82
CA ASP B 113 9.56 3.89 55.21
C ASP B 113 9.73 4.61 53.88
N MET B 114 10.69 5.52 53.82
CA MET B 114 10.97 6.22 52.57
C MET B 114 11.64 5.28 51.55
N ALA B 115 12.61 4.51 52.01
CA ALA B 115 13.28 3.56 51.13
C ALA B 115 12.28 2.56 50.57
N SER B 116 11.30 2.16 51.40
CA SER B 116 10.33 1.16 50.97
C SER B 116 9.45 1.63 49.81
N MET B 117 9.51 2.92 49.49
CA MET B 117 8.74 3.47 48.37
C MET B 117 9.66 4.11 47.31
N SER B 118 10.97 3.95 47.48
CA SER B 118 11.94 4.61 46.63
C SER B 118 12.33 3.81 45.39
N PRO B 119 12.73 4.54 44.31
CA PRO B 119 13.20 3.86 43.10
C PRO B 119 14.29 2.87 43.46
N GLY B 120 14.20 1.67 42.91
CA GLY B 120 15.21 0.65 43.15
C GLY B 120 14.79 -0.37 44.20
N ILE B 121 13.76 -0.08 45.00
CA ILE B 121 13.35 -1.00 46.07
C ILE B 121 12.81 -2.29 45.49
N ASP B 122 12.18 -2.22 44.33
CA ASP B 122 11.61 -3.40 43.69
C ASP B 122 12.69 -4.39 43.31
N GLU B 123 13.85 -3.89 42.89
CA GLU B 123 14.92 -4.78 42.47
C GLU B 123 15.61 -5.41 43.68
N ALA B 124 15.83 -4.61 44.73
CA ALA B 124 16.33 -5.12 46.01
C ALA B 124 15.41 -6.21 46.57
N ALA B 125 14.11 -5.99 46.49
CA ALA B 125 13.17 -6.98 47.03
C ALA B 125 13.19 -8.26 46.18
N ALA B 126 13.34 -8.11 44.87
CA ALA B 126 13.49 -9.29 44.00
C ALA B 126 14.75 -10.07 44.39
N PHE B 127 15.84 -9.38 44.65
CA PHE B 127 17.08 -10.07 44.96
C PHE B 127 16.97 -10.84 46.28
N ASP B 128 16.26 -10.25 47.23
CA ASP B 128 15.93 -10.93 48.49
C ASP B 128 15.16 -12.26 48.28
N GLN B 129 14.28 -12.31 47.29
CA GLN B 129 13.59 -13.56 46.98
C GLN B 129 14.56 -14.60 46.48
N PHE B 130 15.50 -14.18 45.65
CA PHE B 130 16.52 -15.11 45.17
C PHE B 130 17.30 -15.68 46.34
N LEU B 131 17.73 -14.81 47.25
CA LEU B 131 18.54 -15.25 48.39
C LEU B 131 17.76 -16.29 49.21
N ARG B 132 16.48 -16.05 49.40
CA ARG B 132 15.65 -16.93 50.22
C ARG B 132 15.54 -18.36 49.68
N TYR B 133 15.41 -18.51 48.36
CA TYR B 133 15.19 -19.84 47.79
C TYR B 133 16.44 -20.59 47.33
N MET B 134 17.53 -19.86 47.09
CA MET B 134 18.77 -20.52 46.79
C MET B 134 19.24 -21.23 48.06
N THR B 135 18.83 -20.69 49.20
CA THR B 135 19.17 -21.24 50.50
C THR B 135 18.37 -22.51 50.76
N THR B 136 17.11 -22.32 51.12
CA THR B 136 16.18 -23.42 51.32
C THR B 136 15.74 -23.96 49.98
N ASP B 137 16.47 -24.94 49.46
CA ASP B 137 16.03 -25.62 48.25
C ASP B 137 14.71 -26.33 48.52
N GLU B 138 13.62 -25.58 48.40
CA GLU B 138 12.28 -26.04 48.74
C GLU B 138 11.48 -26.22 47.45
N TYR B 139 11.93 -25.58 46.37
CA TYR B 139 11.27 -25.73 45.09
C TYR B 139 12.24 -26.41 44.14
N ASP B 140 11.75 -27.25 43.23
CA ASP B 140 12.63 -27.78 42.19
C ASP B 140 12.99 -26.66 41.19
N ILE B 141 12.08 -25.71 41.00
CA ILE B 141 12.34 -24.65 40.04
C ILE B 141 11.61 -23.39 40.42
N VAL B 142 12.32 -22.27 40.31
CA VAL B 142 11.77 -20.95 40.57
C VAL B 142 11.92 -20.15 39.27
N ILE B 143 10.81 -19.61 38.79
CA ILE B 143 10.77 -18.86 37.56
C ILE B 143 10.50 -17.39 37.89
N PHE B 144 11.42 -16.51 37.50
CA PHE B 144 11.25 -15.05 37.66
C PHE B 144 10.58 -14.46 36.45
N ASP B 145 9.40 -13.91 36.66
CA ASP B 145 8.69 -13.22 35.60
C ASP B 145 9.13 -11.77 35.74
N THR B 146 10.12 -11.36 34.94
CA THR B 146 10.82 -10.10 35.20
C THR B 146 10.16 -8.85 34.62
N ALA B 147 10.58 -7.72 35.16
CA ALA B 147 10.24 -6.43 34.61
C ALA B 147 10.89 -6.24 33.24
N PRO B 148 10.38 -5.28 32.46
CA PRO B 148 10.95 -5.11 31.13
C PRO B 148 12.46 -4.87 31.18
N THR B 149 13.09 -5.11 30.04
CA THR B 149 14.56 -5.19 29.89
C THR B 149 15.37 -4.31 30.84
N GLY B 150 15.13 -3.00 30.76
CA GLY B 150 16.06 -2.06 31.33
C GLY B 150 16.26 -2.18 32.83
N HIS B 151 15.16 -2.42 33.56
CA HIS B 151 15.24 -2.55 35.00
C HIS B 151 15.62 -3.96 35.42
N THR B 152 15.37 -4.94 34.55
CA THR B 152 15.87 -6.28 34.83
C THR B 152 17.41 -6.36 34.76
N LEU B 153 18.05 -5.61 33.85
CA LEU B 153 19.49 -5.51 33.89
C LEU B 153 19.97 -4.95 35.26
N ARG B 154 19.32 -3.89 35.78
CA ARG B 154 19.66 -3.40 37.12
C ARG B 154 19.54 -4.49 38.17
N LEU B 155 18.51 -5.30 38.06
CA LEU B 155 18.35 -6.41 38.98
C LEU B 155 19.54 -7.36 38.86
N LEU B 156 19.90 -7.69 37.63
CA LEU B 156 20.91 -8.74 37.45
C LEU B 156 22.31 -8.26 37.82
N SER B 157 22.54 -6.95 37.82
CA SER B 157 23.83 -6.44 38.23
C SER B 157 23.85 -6.06 39.70
N PHE B 158 22.71 -6.20 40.38
CA PHE B 158 22.61 -5.75 41.77
C PHE B 158 23.54 -6.51 42.76
N PRO B 159 23.82 -7.80 42.49
CA PRO B 159 24.62 -8.50 43.50
C PRO B 159 26.03 -7.91 43.65
N GLU B 160 26.74 -7.71 42.55
CA GLU B 160 28.03 -7.00 42.61
C GLU B 160 27.96 -5.68 43.39
N ILE B 161 26.95 -4.86 43.12
CA ILE B 161 26.79 -3.59 43.82
C ILE B 161 26.55 -3.80 45.31
N MET B 162 25.71 -4.78 45.64
CA MET B 162 25.41 -5.09 47.02
C MET B 162 26.70 -5.52 47.72
N ASP B 163 27.46 -6.35 47.04
CA ASP B 163 28.68 -6.87 47.62
C ASP B 163 29.58 -5.70 48.02
N SER B 164 29.98 -4.93 47.03
CA SER B 164 30.84 -3.78 47.28
C SER B 164 30.30 -2.94 48.41
N TRP B 165 29.00 -2.66 48.37
CA TRP B 165 28.40 -1.74 49.31
C TRP B 165 28.52 -2.24 50.74
N VAL B 166 28.17 -3.50 50.94
CA VAL B 166 28.23 -4.10 52.27
C VAL B 166 29.66 -4.04 52.79
N GLY B 167 30.62 -4.29 51.90
CA GLY B 167 32.02 -4.22 52.24
C GLY B 167 32.39 -2.83 52.74
N LYS B 168 32.07 -1.81 51.95
CA LYS B 168 32.30 -0.43 52.36
C LYS B 168 31.65 -0.20 53.71
N MET B 169 30.43 -0.67 53.89
CA MET B 169 29.76 -0.49 55.16
C MET B 169 30.53 -1.22 56.25
N ILE B 170 31.15 -2.35 55.92
CA ILE B 170 31.86 -3.11 56.95
C ILE B 170 32.99 -2.28 57.56
N LYS B 171 33.96 -1.89 56.75
CA LYS B 171 35.14 -1.19 57.23
C LYS B 171 34.77 0.11 57.94
N ILE B 172 33.66 0.71 57.55
CA ILE B 172 33.21 1.96 58.15
C ILE B 172 32.60 1.77 59.54
N ARG B 173 31.91 0.67 59.77
CA ARG B 173 31.41 0.37 61.10
C ARG B 173 32.59 0.10 62.04
N ARG B 174 33.59 -0.63 61.55
CA ARG B 174 34.77 -0.92 62.36
C ARG B 174 35.44 0.39 62.79
N GLN B 175 35.93 1.13 61.79
CA GLN B 175 36.58 2.42 62.04
C GLN B 175 35.85 3.26 63.09
N ILE B 176 34.53 3.10 63.17
CA ILE B 176 33.73 3.95 64.04
C ILE B 176 33.68 3.49 65.49
N GLY B 177 33.67 2.17 65.70
CA GLY B 177 33.51 1.65 67.06
C GLY B 177 32.52 2.51 67.82
N SER B 178 33.00 3.27 68.81
CA SER B 178 32.13 4.12 69.60
C SER B 178 32.40 5.63 69.41
N ALA B 199 28.12 -7.17 65.81
CA ALA B 199 27.25 -7.46 64.68
C ALA B 199 27.98 -7.39 63.34
N LEU B 200 29.26 -7.03 63.38
CA LEU B 200 30.10 -7.11 62.18
C LEU B 200 30.19 -8.56 61.74
N GLN B 201 29.92 -9.45 62.70
CA GLN B 201 29.91 -10.88 62.46
C GLN B 201 28.74 -11.31 61.57
N ASP B 202 27.68 -10.51 61.58
CA ASP B 202 26.48 -10.81 60.80
C ASP B 202 26.57 -10.24 59.40
N MET B 203 26.71 -8.91 59.32
CA MET B 203 26.88 -8.25 58.04
C MET B 203 27.87 -9.04 57.20
N GLU B 204 28.89 -9.57 57.86
CA GLU B 204 29.93 -10.34 57.19
C GLU B 204 29.37 -11.62 56.59
N ALA B 205 28.37 -12.20 57.25
CA ALA B 205 27.75 -13.43 56.76
C ALA B 205 26.96 -13.11 55.49
N THR B 206 26.07 -12.13 55.62
CA THR B 206 25.26 -11.72 54.48
C THR B 206 26.11 -11.35 53.26
N LYS B 207 27.32 -10.85 53.48
CA LYS B 207 28.22 -10.56 52.37
C LYS B 207 28.60 -11.84 51.62
N LYS B 208 28.86 -12.91 52.38
CA LYS B 208 29.20 -14.19 51.77
C LYS B 208 27.95 -14.79 51.15
N GLN B 209 26.80 -14.57 51.78
CA GLN B 209 25.53 -14.96 51.21
C GLN B 209 25.39 -14.32 49.83
N ILE B 210 25.73 -13.04 49.72
CA ILE B 210 25.56 -12.32 48.48
C ILE B 210 26.47 -12.89 47.40
N ASN B 211 27.71 -13.19 47.76
CA ASN B 211 28.66 -13.76 46.80
C ASN B 211 28.33 -15.20 46.43
N ALA B 212 27.69 -15.92 47.35
CA ALA B 212 27.23 -17.26 47.04
C ALA B 212 26.09 -17.19 46.02
N ALA B 213 25.34 -16.08 46.04
CA ALA B 213 24.22 -15.94 45.13
C ALA B 213 24.72 -15.61 43.72
N ARG B 214 25.81 -14.85 43.63
CA ARG B 214 26.38 -14.50 42.34
C ARG B 214 26.89 -15.76 41.63
N GLU B 215 27.56 -16.61 42.38
CA GLU B 215 28.02 -17.89 41.84
C GLU B 215 26.85 -18.76 41.33
N VAL B 216 25.79 -18.86 42.12
CA VAL B 216 24.62 -19.62 41.67
C VAL B 216 24.06 -19.01 40.38
N MET B 217 24.00 -17.67 40.34
CA MET B 217 23.43 -16.95 39.20
C MET B 217 24.21 -17.10 37.90
N SER B 218 25.53 -17.18 38.02
CA SER B 218 26.39 -17.34 36.85
C SER B 218 26.72 -18.83 36.59
N ASP B 219 26.10 -19.72 37.35
CA ASP B 219 26.32 -21.15 37.17
C ASP B 219 25.29 -21.71 36.19
N PRO B 220 25.72 -22.04 34.96
CA PRO B 220 24.76 -22.50 33.96
C PRO B 220 24.04 -23.80 34.37
N GLU B 221 24.58 -24.54 35.33
CA GLU B 221 23.89 -25.73 35.83
C GLU B 221 22.70 -25.40 36.74
N ARG B 222 22.65 -24.18 37.25
CA ARG B 222 21.64 -23.79 38.23
C ARG B 222 20.69 -22.72 37.68
N THR B 223 21.23 -21.83 36.84
CA THR B 223 20.51 -20.61 36.47
C THR B 223 20.56 -20.39 34.97
N SER B 224 19.42 -20.05 34.38
CA SER B 224 19.41 -19.64 32.98
C SER B 224 18.47 -18.43 32.76
N PHE B 225 18.66 -17.80 31.62
CA PHE B 225 17.85 -16.69 31.19
C PHE B 225 17.23 -17.06 29.84
N LYS B 226 15.90 -16.97 29.75
CA LYS B 226 15.21 -17.11 28.50
C LYS B 226 14.72 -15.76 28.06
N MET B 227 15.02 -15.39 26.82
CA MET B 227 14.67 -14.06 26.29
C MET B 227 13.40 -14.19 25.45
N VAL B 228 12.41 -13.34 25.69
CA VAL B 228 11.24 -13.39 24.84
C VAL B 228 11.30 -12.17 23.93
N VAL B 229 10.97 -12.34 22.65
CA VAL B 229 10.95 -11.24 21.71
C VAL B 229 9.72 -11.38 20.86
N ILE B 230 9.31 -10.30 20.20
CA ILE B 230 8.33 -10.43 19.14
C ILE B 230 9.01 -10.14 17.83
N PRO B 231 8.41 -10.58 16.70
CA PRO B 231 9.10 -10.39 15.42
C PRO B 231 8.93 -8.94 14.91
N GLU B 232 9.55 -7.99 15.60
CA GLU B 232 9.53 -6.57 15.22
C GLU B 232 10.87 -6.01 15.62
N GLU B 233 11.38 -5.10 14.81
CA GLU B 233 12.73 -4.57 15.03
C GLU B 233 12.96 -4.03 16.40
N MET B 234 12.01 -3.28 16.93
CA MET B 234 12.27 -2.66 18.23
C MET B 234 12.48 -3.66 19.36
N SER B 235 11.77 -4.79 19.31
CA SER B 235 12.00 -5.87 20.27
C SER B 235 13.34 -6.58 19.96
N ILE B 236 13.57 -6.84 18.69
CA ILE B 236 14.83 -7.50 18.29
C ILE B 236 16.09 -6.71 18.73
N TYR B 237 16.16 -5.42 18.41
CA TYR B 237 17.35 -4.63 18.75
C TYR B 237 17.52 -4.47 20.24
N GLU B 238 16.41 -4.28 20.96
CA GLU B 238 16.55 -4.11 22.40
C GLU B 238 17.12 -5.38 22.99
N SER B 239 16.57 -6.51 22.56
CA SER B 239 16.98 -7.79 23.13
C SER B 239 18.41 -8.18 22.68
N GLU B 240 18.81 -7.80 21.47
CA GLU B 240 20.21 -8.05 21.07
C GLU B 240 21.14 -7.24 22.01
N ARG B 241 20.82 -5.97 22.24
CA ARG B 241 21.64 -5.18 23.16
C ARG B 241 21.66 -5.79 24.55
N ALA B 242 20.49 -6.24 25.03
CA ALA B 242 20.38 -6.80 26.37
C ALA B 242 21.20 -8.08 26.54
N MET B 243 21.19 -8.91 25.51
CA MET B 243 21.93 -10.17 25.53
C MET B 243 23.43 -9.83 25.74
N LYS B 244 23.86 -8.71 25.19
CA LYS B 244 25.26 -8.32 25.32
C LYS B 244 25.56 -7.87 26.76
N ALA B 245 24.62 -7.18 27.39
CA ALA B 245 24.85 -6.73 28.77
C ALA B 245 24.80 -7.88 29.75
N LEU B 246 24.06 -8.94 29.42
CA LEU B 246 24.03 -10.09 30.27
C LEU B 246 25.38 -10.83 30.23
N GLU B 247 26.00 -10.85 29.05
CA GLU B 247 27.37 -11.41 28.89
C GLU B 247 28.28 -10.89 29.99
N LYS B 248 28.34 -9.58 30.10
CA LYS B 248 29.18 -8.91 31.06
C LYS B 248 28.94 -9.41 32.49
N TYR B 249 27.74 -9.92 32.74
CA TYR B 249 27.38 -10.36 34.08
C TYR B 249 27.51 -11.86 34.24
N SER B 250 27.87 -12.53 33.15
CA SER B 250 27.97 -13.97 33.11
C SER B 250 26.63 -14.61 33.42
N ILE B 251 25.59 -14.08 32.80
CA ILE B 251 24.29 -14.72 32.87
C ILE B 251 24.14 -15.65 31.65
N HIS B 252 23.86 -16.92 31.93
CA HIS B 252 23.71 -17.93 30.88
C HIS B 252 22.36 -17.80 30.15
N ALA B 253 22.39 -17.25 28.95
CA ALA B 253 21.18 -17.05 28.16
C ALA B 253 21.14 -18.06 27.01
N ASP B 254 20.31 -19.09 27.09
CA ASP B 254 20.49 -20.19 26.12
C ASP B 254 19.33 -20.32 25.14
N GLY B 255 18.25 -19.59 25.38
CA GLY B 255 17.03 -19.79 24.61
C GLY B 255 16.30 -18.51 24.28
N VAL B 256 15.77 -18.42 23.06
CA VAL B 256 14.96 -17.27 22.68
C VAL B 256 13.55 -17.74 22.28
N ILE B 257 12.53 -17.16 22.89
CA ILE B 257 11.18 -17.47 22.46
C ILE B 257 10.62 -16.31 21.63
N VAL B 258 10.20 -16.59 20.39
CA VAL B 258 9.56 -15.57 19.57
C VAL B 258 8.06 -15.73 19.72
N ASN B 259 7.44 -14.76 20.37
CA ASN B 259 6.04 -14.82 20.69
C ASN B 259 5.21 -14.01 19.72
N GLN B 260 3.91 -14.27 19.71
CA GLN B 260 2.94 -13.53 18.89
C GLN B 260 3.20 -13.59 17.38
N VAL B 261 3.68 -14.74 16.91
CA VAL B 261 3.90 -14.97 15.49
C VAL B 261 2.58 -15.23 14.74
N LEU B 262 2.23 -14.35 13.79
CA LEU B 262 1.01 -14.50 13.02
C LEU B 262 1.03 -15.82 12.29
N PRO B 263 -0.02 -16.61 12.46
CA PRO B 263 -0.07 -17.93 11.80
C PRO B 263 -0.38 -17.75 10.32
N GLU B 264 -0.10 -18.78 9.54
CA GLU B 264 -0.29 -18.73 8.10
C GLU B 264 -1.76 -18.66 7.67
N GLU B 265 -2.66 -19.21 8.47
CA GLU B 265 -4.07 -19.29 8.06
C GLU B 265 -4.59 -17.90 7.70
N SER B 266 -4.34 -16.94 8.57
CA SER B 266 -4.63 -15.55 8.27
C SER B 266 -4.20 -15.26 6.83
N ASP B 267 -5.18 -15.01 5.96
CA ASP B 267 -4.89 -14.71 4.56
C ASP B 267 -5.79 -13.61 3.99
N CYS B 268 -5.89 -12.51 4.72
CA CYS B 268 -6.46 -11.30 4.16
C CYS B 268 -5.29 -10.41 3.75
N GLU B 269 -5.53 -9.33 3.00
CA GLU B 269 -4.44 -8.50 2.51
C GLU B 269 -3.63 -7.92 3.68
N PHE B 270 -4.34 -7.55 4.73
CA PHE B 270 -3.75 -6.88 5.88
C PHE B 270 -2.82 -7.85 6.63
N CYS B 271 -3.33 -9.03 6.96
CA CYS B 271 -2.52 -10.12 7.53
C CYS B 271 -1.31 -10.54 6.72
N ASN B 272 -1.49 -10.71 5.41
CA ASN B 272 -0.37 -11.14 4.58
C ASN B 272 0.78 -10.14 4.66
N ALA B 273 0.47 -8.85 4.53
CA ALA B 273 1.52 -7.86 4.58
C ALA B 273 2.28 -7.92 5.92
N ARG B 274 1.54 -8.18 7.00
CA ARG B 274 2.16 -8.21 8.32
C ARG B 274 2.96 -9.48 8.54
N ARG B 275 2.44 -10.59 8.04
CA ARG B 275 3.09 -11.88 8.17
C ARG B 275 4.37 -11.90 7.34
N LYS B 276 4.31 -11.32 6.15
CA LYS B 276 5.49 -11.22 5.31
C LYS B 276 6.61 -10.45 6.04
N LEU B 277 6.26 -9.38 6.74
CA LEU B 277 7.27 -8.66 7.51
C LEU B 277 7.77 -9.50 8.69
N GLN B 278 6.86 -10.11 9.43
CA GLN B 278 7.26 -10.93 10.56
C GLN B 278 8.24 -12.02 10.14
N GLN B 279 7.99 -12.60 8.97
CA GLN B 279 8.83 -13.70 8.49
C GLN B 279 10.23 -13.22 8.11
N GLU B 280 10.35 -11.98 7.66
CA GLU B 280 11.70 -11.41 7.49
C GLU B 280 12.32 -11.19 8.87
N ARG B 281 11.52 -10.77 9.86
CA ARG B 281 12.10 -10.54 11.20
C ARG B 281 12.54 -11.85 11.87
N LEU B 282 11.79 -12.94 11.61
CA LEU B 282 12.19 -14.25 12.11
C LEU B 282 13.55 -14.65 11.56
N LYS B 283 13.76 -14.41 10.29
CA LYS B 283 15.10 -14.68 9.73
C LYS B 283 16.16 -13.86 10.48
N GLN B 284 15.90 -12.58 10.78
CA GLN B 284 16.88 -11.77 11.51
C GLN B 284 17.11 -12.29 12.91
N ILE B 285 16.02 -12.68 13.56
CA ILE B 285 16.13 -13.23 14.90
C ILE B 285 17.04 -14.46 14.89
N ARG B 286 16.83 -15.36 13.94
CA ARG B 286 17.65 -16.58 13.88
C ARG B 286 19.11 -16.27 13.60
N GLU B 287 19.35 -15.30 12.72
CA GLU B 287 20.71 -14.83 12.43
C GLU B 287 21.35 -14.18 13.66
N LYS B 288 20.68 -13.20 14.23
CA LYS B 288 21.25 -12.46 15.37
C LYS B 288 21.37 -13.27 16.67
N PHE B 289 20.54 -14.28 16.87
CA PHE B 289 20.65 -15.06 18.09
C PHE B 289 21.06 -16.47 17.67
N SER B 290 22.02 -16.54 16.78
CA SER B 290 22.43 -17.84 16.23
C SER B 290 23.16 -18.69 17.26
N ASP B 291 23.62 -18.11 18.36
CA ASP B 291 24.21 -18.94 19.42
C ASP B 291 23.18 -19.44 20.44
N LYS B 292 21.91 -19.29 20.09
CA LYS B 292 20.83 -19.71 21.00
C LYS B 292 19.83 -20.55 20.23
N VAL B 293 19.10 -21.39 20.97
CA VAL B 293 17.98 -22.14 20.44
C VAL B 293 16.78 -21.21 20.33
N VAL B 294 16.10 -21.22 19.19
CA VAL B 294 14.95 -20.37 18.96
C VAL B 294 13.67 -21.20 18.77
N ALA B 295 12.62 -20.82 19.49
CA ALA B 295 11.31 -21.46 19.43
C ALA B 295 10.23 -20.40 19.13
N GLU B 296 9.12 -20.78 18.53
CA GLU B 296 8.07 -19.79 18.21
C GLU B 296 6.82 -20.12 19.03
N VAL B 297 6.09 -19.08 19.43
CA VAL B 297 4.73 -19.23 19.94
C VAL B 297 3.77 -18.44 19.03
N PRO B 298 2.79 -19.13 18.42
CA PRO B 298 1.81 -18.46 17.56
C PRO B 298 0.97 -17.42 18.31
N LEU B 299 0.62 -16.35 17.61
CA LEU B 299 -0.41 -15.47 18.08
C LEU B 299 -1.76 -16.22 18.10
N LEU B 300 -2.42 -16.25 19.26
CA LEU B 300 -3.76 -16.81 19.37
C LEU B 300 -4.83 -15.91 18.76
N LYS B 301 -6.02 -16.49 18.58
CA LYS B 301 -7.21 -15.76 18.13
C LYS B 301 -7.84 -14.93 19.23
N LYS B 302 -7.39 -15.15 20.46
CA LYS B 302 -7.84 -14.37 21.61
C LYS B 302 -6.64 -14.00 22.47
N GLU B 303 -6.89 -13.36 23.60
CA GLU B 303 -5.80 -12.97 24.49
C GLU B 303 -5.28 -14.14 25.25
N ALA B 304 -3.98 -14.14 25.49
CA ALA B 304 -3.34 -15.17 26.27
C ALA B 304 -3.53 -14.87 27.73
N LYS B 305 -4.46 -15.59 28.35
CA LYS B 305 -4.69 -15.50 29.78
C LYS B 305 -5.66 -16.59 30.25
N GLY B 306 -5.58 -16.94 31.52
CA GLY B 306 -6.37 -18.04 32.04
C GLY B 306 -5.59 -19.34 31.92
N ILE B 307 -5.74 -20.20 32.92
CA ILE B 307 -4.97 -21.42 32.99
C ILE B 307 -5.15 -22.30 31.76
N GLU B 308 -6.38 -22.42 31.30
CA GLU B 308 -6.64 -23.28 30.13
C GLU B 308 -5.85 -22.80 28.89
N THR B 309 -5.94 -21.53 28.57
CA THR B 309 -5.17 -21.01 27.43
C THR B 309 -3.68 -21.13 27.67
N LEU B 310 -3.22 -20.83 28.88
CA LEU B 310 -1.80 -20.90 29.16
C LEU B 310 -1.25 -22.32 28.99
N GLU B 311 -2.04 -23.31 29.39
CA GLU B 311 -1.59 -24.69 29.24
C GLU B 311 -1.49 -25.07 27.78
N LYS B 312 -2.43 -24.60 26.96
CA LYS B 312 -2.30 -24.85 25.53
C LYS B 312 -0.97 -24.33 24.97
N ILE B 313 -0.56 -23.14 25.43
CA ILE B 313 0.69 -22.52 24.99
C ILE B 313 1.87 -23.35 25.47
N ALA B 314 1.86 -23.73 26.74
CA ALA B 314 2.98 -24.52 27.23
C ALA B 314 3.05 -25.83 26.43
N GLU B 315 1.91 -26.39 26.08
CA GLU B 315 1.92 -27.70 25.44
C GLU B 315 2.44 -27.59 24.02
N GLN B 316 2.08 -26.50 23.34
CA GLN B 316 2.54 -26.28 21.98
C GLN B 316 4.02 -25.93 21.97
N LEU B 317 4.52 -25.41 23.07
CA LEU B 317 5.90 -25.01 23.17
C LEU B 317 6.79 -26.12 23.72
N TYR B 318 6.29 -26.87 24.69
CA TYR B 318 7.12 -27.88 25.34
C TYR B 318 6.65 -29.33 25.14
N GLY B 319 5.52 -29.53 24.46
CA GLY B 319 4.92 -30.85 24.36
C GLY B 319 4.15 -31.18 25.63
N GLU B 320 3.51 -32.35 25.66
CA GLU B 320 2.80 -32.80 26.86
C GLU B 320 3.77 -32.89 28.03
N PRO B 321 3.29 -32.58 29.25
CA PRO B 321 4.10 -32.70 30.47
C PRO B 321 4.38 -34.16 30.81
N GLU B 322 4.89 -34.45 32.01
CA GLU B 322 5.05 -35.83 32.49
C GLU B 322 4.82 -35.98 34.00
N ALA C 2 -13.64 12.23 -4.67
CA ALA C 2 -13.95 13.32 -5.59
C ALA C 2 -14.25 12.78 -6.98
N PHE C 3 -13.34 11.97 -7.51
CA PHE C 3 -13.57 11.41 -8.83
C PHE C 3 -14.84 10.55 -8.82
N LYS C 4 -15.14 9.93 -7.68
CA LYS C 4 -16.31 9.06 -7.56
C LYS C 4 -17.62 9.84 -7.67
N ASP C 5 -17.55 11.15 -7.46
CA ASP C 5 -18.72 12.02 -7.52
C ASP C 5 -19.08 12.43 -8.95
N LEU C 6 -18.30 11.95 -9.93
CA LEU C 6 -18.60 12.23 -11.33
C LEU C 6 -19.55 11.17 -11.86
N PHE C 7 -20.13 10.42 -10.94
CA PHE C 7 -21.12 9.41 -11.27
C PHE C 7 -22.43 9.76 -10.59
N LYS C 8 -23.38 10.25 -11.36
CA LYS C 8 -24.65 10.70 -10.83
C LYS C 8 -25.76 9.67 -11.10
N PHE C 9 -26.55 9.36 -10.07
CA PHE C 9 -27.63 8.39 -10.23
C PHE C 9 -29.02 9.02 -10.16
N ASN C 10 -29.98 8.41 -10.85
CA ASN C 10 -31.37 8.84 -10.84
C ASN C 10 -32.30 7.65 -10.68
N LYS C 11 -33.24 7.74 -9.73
CA LYS C 11 -34.14 6.63 -9.43
C LYS C 11 -34.86 6.12 -10.67
N GLY C 12 -34.71 4.82 -10.95
CA GLY C 12 -35.44 4.19 -12.03
C GLY C 12 -34.96 4.47 -13.44
N LYS C 13 -33.82 5.16 -13.57
CA LYS C 13 -33.27 5.50 -14.88
C LYS C 13 -31.77 5.20 -14.98
N THR C 14 -31.41 4.34 -15.93
CA THR C 14 -30.04 3.88 -16.06
C THR C 14 -29.07 5.04 -16.32
N THR C 15 -27.98 5.08 -15.55
CA THR C 15 -26.89 6.00 -15.82
C THR C 15 -25.94 5.33 -16.80
N PHE C 16 -25.47 6.07 -17.80
CA PHE C 16 -24.52 5.53 -18.78
C PHE C 16 -23.16 6.17 -18.67
N VAL C 17 -22.10 5.36 -18.78
CA VAL C 17 -20.74 5.87 -18.75
C VAL C 17 -19.91 5.21 -19.84
N PHE C 18 -19.25 6.03 -20.65
CA PHE C 18 -18.31 5.52 -21.64
C PHE C 18 -16.90 5.79 -21.11
N ILE C 19 -16.05 4.77 -21.17
CA ILE C 19 -14.65 4.88 -20.83
C ILE C 19 -13.87 4.77 -22.13
N GLY C 20 -13.16 5.82 -22.49
CA GLY C 20 -12.46 5.87 -23.76
C GLY C 20 -11.03 6.37 -23.63
N GLY C 21 -10.33 6.40 -24.76
CA GLY C 21 -8.96 6.85 -24.81
C GLY C 21 -8.16 6.12 -25.88
N LYS C 22 -6.90 6.52 -26.03
CA LYS C 22 -6.00 5.93 -27.00
C LYS C 22 -5.81 4.43 -26.77
N GLY C 23 -5.35 3.73 -27.80
CA GLY C 23 -4.99 2.33 -27.64
C GLY C 23 -4.09 2.05 -26.45
N GLY C 24 -4.42 1.00 -25.69
CA GLY C 24 -3.55 0.51 -24.63
C GLY C 24 -3.37 1.35 -23.37
N VAL C 25 -4.18 2.39 -23.17
CA VAL C 25 -4.01 3.25 -21.99
C VAL C 25 -4.59 2.67 -20.68
N GLY C 26 -5.53 1.75 -20.78
CA GLY C 26 -6.15 1.18 -19.59
C GLY C 26 -7.67 1.35 -19.52
N LYS C 27 -8.33 1.50 -20.67
CA LYS C 27 -9.79 1.64 -20.68
C LYS C 27 -10.47 0.43 -20.06
N THR C 28 -9.99 -0.75 -20.43
CA THR C 28 -10.63 -1.96 -19.95
C THR C 28 -10.36 -2.14 -18.46
N THR C 29 -9.09 -2.00 -18.07
CA THR C 29 -8.69 -2.00 -16.67
C THR C 29 -9.55 -1.03 -15.82
N ILE C 30 -9.68 0.19 -16.28
CA ILE C 30 -10.51 1.20 -15.59
C ILE C 30 -12.00 0.83 -15.62
N SER C 31 -12.47 0.31 -16.76
CA SER C 31 -13.88 -0.05 -16.90
C SER C 31 -14.19 -1.16 -15.91
N ALA C 32 -13.32 -2.14 -15.88
CA ALA C 32 -13.51 -3.30 -15.02
C ALA C 32 -13.38 -2.90 -13.55
N ALA C 33 -12.36 -2.14 -13.20
CA ALA C 33 -12.21 -1.66 -11.82
C ALA C 33 -13.44 -0.89 -11.37
N THR C 34 -13.90 0.03 -12.22
CA THR C 34 -15.06 0.86 -11.88
C THR C 34 -16.33 0.03 -11.73
N ALA C 35 -16.49 -0.96 -12.60
CA ALA C 35 -17.69 -1.75 -12.58
C ALA C 35 -17.73 -2.53 -11.29
N LEU C 36 -16.58 -3.03 -10.86
CA LEU C 36 -16.52 -3.82 -9.62
C LEU C 36 -16.85 -2.94 -8.43
N TRP C 37 -16.33 -1.72 -8.42
CA TRP C 37 -16.62 -0.77 -7.36
C TRP C 37 -18.11 -0.45 -7.27
N MET C 38 -18.73 -0.16 -8.40
CA MET C 38 -20.17 0.14 -8.43
C MET C 38 -20.97 -1.01 -7.83
N ALA C 39 -20.65 -2.23 -8.27
CA ALA C 39 -21.35 -3.43 -7.81
C ALA C 39 -21.16 -3.59 -6.31
N ARG C 40 -19.92 -3.44 -5.86
CA ARG C 40 -19.60 -3.54 -4.45
C ARG C 40 -20.37 -2.47 -3.68
N SER C 41 -20.70 -1.38 -4.36
CA SER C 41 -21.41 -0.25 -3.74
C SER C 41 -22.93 -0.41 -3.71
N GLY C 42 -23.44 -1.51 -4.27
CA GLY C 42 -24.86 -1.77 -4.21
C GLY C 42 -25.60 -1.43 -5.47
N LYS C 43 -24.89 -0.89 -6.47
CA LYS C 43 -25.50 -0.59 -7.75
C LYS C 43 -25.52 -1.83 -8.65
N LYS C 44 -26.68 -2.12 -9.25
CA LYS C 44 -26.77 -3.21 -10.22
C LYS C 44 -26.12 -2.78 -11.54
N THR C 45 -25.08 -3.48 -11.94
CA THR C 45 -24.13 -2.91 -12.89
C THR C 45 -23.91 -3.81 -14.10
N LEU C 46 -23.84 -3.19 -15.27
CA LEU C 46 -23.44 -3.93 -16.46
C LEU C 46 -22.23 -3.26 -17.11
N VAL C 47 -21.16 -4.01 -17.34
CA VAL C 47 -20.05 -3.49 -18.13
C VAL C 47 -20.04 -4.20 -19.47
N ILE C 48 -19.98 -3.41 -20.55
CA ILE C 48 -20.07 -3.89 -21.92
C ILE C 48 -18.84 -3.51 -22.72
N SER C 49 -18.15 -4.50 -23.26
CA SER C 49 -17.03 -4.23 -24.14
C SER C 49 -17.55 -4.04 -25.56
N THR C 50 -17.21 -2.91 -26.18
CA THR C 50 -17.57 -2.61 -27.55
C THR C 50 -16.37 -2.72 -28.48
N ASP C 51 -15.23 -3.11 -27.91
CA ASP C 51 -13.99 -3.33 -28.66
C ASP C 51 -14.04 -4.69 -29.35
N PRO C 52 -14.04 -4.69 -30.70
CA PRO C 52 -14.22 -5.99 -31.40
C PRO C 52 -13.18 -7.05 -31.00
N ALA C 53 -11.98 -6.65 -30.58
CA ALA C 53 -11.09 -7.62 -29.95
C ALA C 53 -11.30 -7.50 -28.46
N HIS C 54 -12.12 -8.35 -27.86
CA HIS C 54 -12.49 -8.13 -26.45
C HIS C 54 -11.35 -8.43 -25.47
N SER C 55 -11.25 -7.63 -24.40
CA SER C 55 -10.27 -7.86 -23.34
C SER C 55 -10.89 -7.88 -21.95
N LEU C 56 -12.17 -7.59 -21.86
CA LEU C 56 -12.86 -7.60 -20.59
C LEU C 56 -12.73 -8.97 -19.93
N SER C 57 -12.81 -10.04 -20.73
CA SER C 57 -12.63 -11.38 -20.18
C SER C 57 -11.18 -11.65 -19.71
N ASP C 58 -10.17 -11.17 -20.44
CA ASP C 58 -8.79 -11.37 -19.96
C ASP C 58 -8.59 -10.61 -18.65
N SER C 59 -9.16 -9.41 -18.59
CA SER C 59 -8.95 -8.53 -17.45
C SER C 59 -9.60 -9.08 -16.20
N LEU C 60 -10.85 -9.49 -16.32
CA LEU C 60 -11.58 -10.04 -15.19
C LEU C 60 -11.17 -11.48 -14.92
N GLU C 61 -10.52 -12.11 -15.90
CA GLU C 61 -10.15 -13.52 -15.77
C GLU C 61 -11.40 -14.43 -15.70
N ARG C 62 -12.38 -14.14 -16.54
CA ARG C 62 -13.64 -14.87 -16.53
C ARG C 62 -14.17 -15.03 -17.93
N GLU C 63 -14.81 -16.16 -18.19
CA GLU C 63 -15.49 -16.36 -19.46
C GLU C 63 -16.70 -15.43 -19.56
N ILE C 64 -16.80 -14.70 -20.68
CA ILE C 64 -17.89 -13.77 -20.88
C ILE C 64 -18.51 -13.91 -22.27
N GLY C 65 -19.84 -13.83 -22.35
CA GLY C 65 -20.52 -14.01 -23.62
C GLY C 65 -21.19 -12.77 -24.13
N HIS C 66 -21.96 -12.92 -25.19
CA HIS C 66 -22.76 -11.84 -25.75
C HIS C 66 -24.01 -11.54 -24.94
N THR C 67 -24.52 -12.53 -24.21
CA THR C 67 -25.64 -12.27 -23.29
C THR C 67 -25.02 -12.03 -21.93
N PRO C 68 -25.68 -11.22 -21.09
CA PRO C 68 -25.08 -10.82 -19.81
C PRO C 68 -24.69 -12.02 -18.97
N THR C 69 -23.44 -11.97 -18.49
CA THR C 69 -22.80 -13.00 -17.67
C THR C 69 -22.61 -12.41 -16.29
N LYS C 70 -23.08 -13.11 -15.26
CA LYS C 70 -22.84 -12.70 -13.88
C LYS C 70 -21.38 -12.93 -13.53
N ILE C 71 -20.76 -11.92 -12.93
CA ILE C 71 -19.35 -12.00 -12.56
C ILE C 71 -19.27 -12.12 -11.05
N THR C 72 -20.06 -11.31 -10.36
CA THR C 72 -20.17 -11.35 -8.92
C THR C 72 -21.50 -10.71 -8.55
N GLU C 73 -21.79 -10.59 -7.26
CA GLU C 73 -23.06 -9.96 -6.87
C GLU C 73 -23.15 -8.53 -7.40
N ASN C 74 -24.23 -8.26 -8.13
CA ASN C 74 -24.51 -6.93 -8.67
C ASN C 74 -23.77 -6.57 -9.96
N LEU C 75 -22.95 -7.48 -10.49
CA LEU C 75 -22.12 -7.15 -11.64
C LEU C 75 -22.32 -8.14 -12.75
N TYR C 76 -22.69 -7.61 -13.90
CA TYR C 76 -22.89 -8.41 -15.09
C TYR C 76 -21.99 -7.88 -16.20
N ALA C 77 -21.49 -8.78 -17.05
CA ALA C 77 -20.64 -8.37 -18.17
C ALA C 77 -21.16 -8.91 -19.50
N VAL C 78 -20.86 -8.16 -20.55
CA VAL C 78 -21.19 -8.52 -21.91
C VAL C 78 -19.99 -8.25 -22.81
N GLU C 79 -19.65 -9.22 -23.65
CA GLU C 79 -18.71 -8.98 -24.74
C GLU C 79 -19.48 -9.10 -26.05
N ILE C 80 -19.74 -7.97 -26.70
CA ILE C 80 -20.61 -7.94 -27.87
C ILE C 80 -20.14 -8.88 -28.96
N ASP C 81 -21.04 -9.71 -29.46
CA ASP C 81 -20.70 -10.62 -30.56
C ASP C 81 -21.52 -10.24 -31.79
N PRO C 82 -20.84 -9.68 -32.80
CA PRO C 82 -21.59 -9.08 -33.91
C PRO C 82 -22.32 -10.13 -34.72
N GLU C 83 -21.75 -11.33 -34.81
CA GLU C 83 -22.39 -12.41 -35.57
C GLU C 83 -23.71 -12.77 -34.90
N VAL C 84 -23.70 -12.82 -33.57
CA VAL C 84 -24.95 -13.02 -32.84
C VAL C 84 -25.86 -11.81 -33.08
N ALA C 85 -25.31 -10.60 -32.93
CA ALA C 85 -26.09 -9.39 -33.15
C ALA C 85 -26.83 -9.41 -34.49
N MET C 86 -26.14 -9.90 -35.52
CA MET C 86 -26.74 -10.02 -36.84
C MET C 86 -28.00 -10.87 -36.77
N GLU C 87 -27.84 -12.11 -36.31
CA GLU C 87 -28.99 -13.01 -36.14
C GLU C 87 -30.15 -12.29 -35.46
N GLU C 88 -29.91 -11.80 -34.24
CA GLU C 88 -30.96 -11.13 -33.46
C GLU C 88 -31.72 -10.07 -34.26
N TYR C 89 -31.12 -9.61 -35.36
CA TYR C 89 -31.66 -8.49 -36.12
C TYR C 89 -32.88 -8.84 -36.98
N GLN C 90 -32.92 -10.06 -37.49
CA GLN C 90 -34.03 -10.50 -38.34
C GLN C 90 -35.39 -10.28 -37.66
N ALA C 91 -36.40 -9.94 -38.46
CA ALA C 91 -37.75 -9.74 -37.95
C ALA C 91 -38.80 -10.34 -38.88
N SER C 116 -22.89 -10.75 -43.50
CA SER C 116 -21.89 -9.72 -43.74
C SER C 116 -21.26 -9.19 -42.45
N MET C 117 -20.07 -9.72 -42.13
CA MET C 117 -19.24 -9.17 -41.07
C MET C 117 -18.46 -7.98 -41.60
N SER C 118 -19.20 -7.03 -42.17
CA SER C 118 -18.60 -5.88 -42.81
C SER C 118 -18.08 -4.90 -41.77
N PRO C 119 -17.03 -4.14 -42.14
CA PRO C 119 -16.56 -3.02 -41.33
C PRO C 119 -17.74 -2.13 -40.90
N GLY C 120 -17.79 -1.79 -39.62
CA GLY C 120 -18.88 -0.96 -39.09
C GLY C 120 -19.89 -1.75 -38.29
N ILE C 121 -19.86 -3.07 -38.42
CA ILE C 121 -20.88 -3.88 -37.79
C ILE C 121 -20.74 -3.83 -36.26
N ASP C 122 -19.51 -3.69 -35.78
CA ASP C 122 -19.27 -3.70 -34.34
C ASP C 122 -19.84 -2.46 -33.67
N GLU C 123 -19.87 -1.35 -34.40
CA GLU C 123 -20.41 -0.11 -33.88
C GLU C 123 -21.95 -0.12 -33.87
N ALA C 124 -22.53 -0.67 -34.93
CA ALA C 124 -23.98 -0.86 -35.00
C ALA C 124 -24.45 -1.81 -33.89
N ALA C 125 -23.71 -2.90 -33.72
CA ALA C 125 -24.00 -3.85 -32.66
C ALA C 125 -23.96 -3.16 -31.30
N ALA C 126 -22.97 -2.29 -31.08
CA ALA C 126 -22.84 -1.58 -29.81
C ALA C 126 -23.99 -0.60 -29.57
N PHE C 127 -24.39 0.12 -30.62
CA PHE C 127 -25.49 1.07 -30.47
C PHE C 127 -26.76 0.30 -30.13
N ASP C 128 -26.94 -0.86 -30.78
CA ASP C 128 -28.06 -1.73 -30.48
C ASP C 128 -28.08 -2.12 -28.99
N GLN C 129 -26.91 -2.36 -28.40
CA GLN C 129 -26.85 -2.61 -26.96
C GLN C 129 -27.32 -1.39 -26.20
N PHE C 130 -26.80 -0.22 -26.58
CA PHE C 130 -27.24 1.00 -25.93
C PHE C 130 -28.77 1.06 -25.92
N LEU C 131 -29.37 0.82 -27.08
CA LEU C 131 -30.83 0.92 -27.24
C LEU C 131 -31.59 -0.06 -26.35
N ARG C 132 -31.09 -1.29 -26.23
CA ARG C 132 -31.75 -2.26 -25.37
C ARG C 132 -31.80 -1.81 -23.91
N TYR C 133 -30.68 -1.37 -23.35
CA TYR C 133 -30.66 -1.05 -21.93
C TYR C 133 -31.23 0.32 -21.62
N MET C 134 -31.26 1.21 -22.60
CA MET C 134 -31.94 2.48 -22.41
C MET C 134 -33.44 2.24 -22.34
N THR C 135 -33.92 1.28 -23.12
CA THR C 135 -35.33 0.91 -23.14
C THR C 135 -35.81 0.28 -21.83
N THR C 136 -35.00 -0.61 -21.25
CA THR C 136 -35.43 -1.39 -20.08
C THR C 136 -35.18 -0.76 -18.71
N ASP C 137 -34.17 0.11 -18.61
CA ASP C 137 -33.78 0.66 -17.31
C ASP C 137 -33.65 -0.38 -16.21
N GLU C 138 -33.09 -1.55 -16.54
CA GLU C 138 -32.95 -2.58 -15.50
C GLU C 138 -31.66 -2.47 -14.69
N TYR C 139 -30.64 -1.82 -15.25
CA TYR C 139 -29.40 -1.58 -14.50
C TYR C 139 -29.34 -0.14 -13.97
N ASP C 140 -28.75 0.01 -12.78
CA ASP C 140 -28.51 1.34 -12.24
C ASP C 140 -27.48 2.05 -13.11
N ILE C 141 -26.50 1.27 -13.58
CA ILE C 141 -25.39 1.84 -14.33
C ILE C 141 -24.87 0.85 -15.33
N VAL C 142 -24.65 1.33 -16.56
CA VAL C 142 -24.11 0.54 -17.63
C VAL C 142 -22.84 1.26 -18.07
N ILE C 143 -21.74 0.52 -18.10
CA ILE C 143 -20.42 1.07 -18.40
C ILE C 143 -19.92 0.46 -19.70
N PHE C 144 -19.63 1.30 -20.68
CA PHE C 144 -19.09 0.83 -21.95
C PHE C 144 -17.56 0.89 -21.92
N ASP C 145 -16.94 -0.29 -22.05
CA ASP C 145 -15.51 -0.38 -22.20
C ASP C 145 -15.21 -0.29 -23.70
N THR C 146 -14.81 0.88 -24.17
CA THR C 146 -14.89 1.15 -25.60
C THR C 146 -13.63 0.76 -26.36
N ALA C 147 -13.76 0.66 -27.68
CA ALA C 147 -12.59 0.50 -28.57
C ALA C 147 -11.75 1.77 -28.53
N PRO C 148 -10.48 1.69 -28.99
CA PRO C 148 -9.64 2.89 -29.02
C PRO C 148 -10.27 4.03 -29.80
N THR C 149 -9.83 5.25 -29.47
CA THR C 149 -10.43 6.50 -29.90
C THR C 149 -11.17 6.54 -31.22
N GLY C 150 -10.48 6.29 -32.32
CA GLY C 150 -11.03 6.58 -33.63
C GLY C 150 -12.37 5.90 -33.87
N HIS C 151 -12.41 4.60 -33.62
CA HIS C 151 -13.65 3.85 -33.85
C HIS C 151 -14.77 4.15 -32.84
N THR C 152 -14.41 4.61 -31.66
CA THR C 152 -15.43 5.02 -30.69
C THR C 152 -16.13 6.31 -31.09
N LEU C 153 -15.38 7.22 -31.69
CA LEU C 153 -15.98 8.41 -32.26
C LEU C 153 -16.98 8.02 -33.36
N ARG C 154 -16.65 6.99 -34.15
CA ARG C 154 -17.60 6.48 -35.14
C ARG C 154 -18.85 6.03 -34.42
N LEU C 155 -18.69 5.27 -33.34
CA LEU C 155 -19.83 4.76 -32.59
C LEU C 155 -20.72 5.90 -32.08
N LEU C 156 -20.11 6.96 -31.56
CA LEU C 156 -20.90 7.99 -30.90
C LEU C 156 -21.61 8.92 -31.89
N SER C 157 -21.28 8.79 -33.17
CA SER C 157 -21.89 9.63 -34.19
C SER C 157 -22.85 8.80 -35.06
N PHE C 158 -22.98 7.53 -34.70
CA PHE C 158 -23.85 6.62 -35.43
C PHE C 158 -25.35 6.92 -35.26
N PRO C 159 -25.80 7.29 -34.05
CA PRO C 159 -27.21 7.68 -33.84
C PRO C 159 -27.74 8.65 -34.92
N GLU C 160 -26.99 9.71 -35.19
CA GLU C 160 -27.39 10.64 -36.25
C GLU C 160 -27.54 9.91 -37.60
N ILE C 161 -26.61 9.03 -37.92
CA ILE C 161 -26.66 8.26 -39.15
C ILE C 161 -27.89 7.33 -39.21
N MET C 162 -28.18 6.63 -38.12
CA MET C 162 -29.38 5.82 -38.04
C MET C 162 -30.65 6.64 -38.20
N ASP C 163 -30.70 7.80 -37.55
CA ASP C 163 -31.91 8.60 -37.57
C ASP C 163 -32.27 9.00 -38.99
N SER C 164 -31.27 9.40 -39.77
CA SER C 164 -31.47 9.83 -41.15
C SER C 164 -31.91 8.66 -42.03
N TRP C 165 -31.27 7.51 -41.85
CA TRP C 165 -31.62 6.31 -42.61
C TRP C 165 -33.05 5.87 -42.35
N VAL C 166 -33.44 5.77 -41.08
CA VAL C 166 -34.81 5.37 -40.74
C VAL C 166 -35.84 6.40 -41.26
N GLY C 167 -35.48 7.68 -41.20
CA GLY C 167 -36.28 8.75 -41.80
C GLY C 167 -36.53 8.54 -43.29
N LYS C 168 -35.48 8.27 -44.04
CA LYS C 168 -35.65 7.95 -45.46
C LYS C 168 -36.56 6.74 -45.63
N MET C 169 -36.23 5.63 -45.00
CA MET C 169 -37.06 4.43 -45.08
C MET C 169 -38.53 4.75 -44.84
N ILE C 170 -38.79 5.66 -43.92
CA ILE C 170 -40.15 6.08 -43.62
C ILE C 170 -40.74 6.89 -44.78
N LYS C 171 -40.01 7.88 -45.26
CA LYS C 171 -40.47 8.66 -46.40
C LYS C 171 -40.78 7.77 -47.63
N ILE C 172 -39.91 6.79 -47.88
CA ILE C 172 -40.14 5.81 -48.93
C ILE C 172 -41.48 5.12 -48.71
N ARG C 173 -41.68 4.64 -47.49
CA ARG C 173 -42.85 3.82 -47.19
C ARG C 173 -44.13 4.62 -47.32
N ARG C 174 -44.12 5.86 -46.84
CA ARG C 174 -45.27 6.74 -47.02
C ARG C 174 -45.51 7.04 -48.50
N GLN C 175 -44.48 6.84 -49.32
CA GLN C 175 -44.59 7.06 -50.76
C GLN C 175 -45.33 5.91 -51.44
N ILE C 176 -44.99 4.68 -51.07
CA ILE C 176 -45.76 3.51 -51.51
C ILE C 176 -47.24 3.70 -51.22
N GLY C 177 -47.56 3.88 -49.94
CA GLY C 177 -48.93 4.04 -49.50
C GLY C 177 -49.65 5.20 -50.17
N SER C 178 -48.88 6.06 -50.82
CA SER C 178 -49.42 7.19 -51.58
C SER C 178 -49.71 6.75 -53.01
N MET C 179 -49.12 5.61 -53.39
CA MET C 179 -49.28 5.05 -54.73
C MET C 179 -49.56 3.55 -54.67
N ASP C 192 -52.83 -5.20 -46.56
CA ASP C 192 -53.89 -4.54 -45.81
C ASP C 192 -53.51 -3.08 -45.54
N GLU C 193 -54.48 -2.19 -45.65
CA GLU C 193 -54.23 -0.76 -45.43
C GLU C 193 -54.06 -0.44 -43.95
N GLU C 194 -54.68 -1.26 -43.10
CA GLU C 194 -54.54 -1.11 -41.66
C GLU C 194 -53.14 -1.49 -41.22
N GLU C 195 -52.74 -2.71 -41.56
CA GLU C 195 -51.42 -3.23 -41.21
C GLU C 195 -50.32 -2.37 -41.82
N GLU C 196 -50.69 -1.54 -42.79
CA GLU C 196 -49.76 -0.63 -43.44
C GLU C 196 -49.50 0.59 -42.57
N ASP C 197 -50.58 1.27 -42.17
CA ASP C 197 -50.48 2.41 -41.26
C ASP C 197 -49.75 2.02 -39.97
N ARG C 198 -49.82 0.73 -39.64
CA ARG C 198 -49.13 0.21 -38.46
C ARG C 198 -47.63 0.03 -38.73
N ALA C 199 -47.29 -0.41 -39.94
CA ALA C 199 -45.88 -0.53 -40.31
C ALA C 199 -45.19 0.82 -40.14
N LEU C 200 -45.78 1.86 -40.73
CA LEU C 200 -45.31 3.22 -40.55
C LEU C 200 -45.18 3.60 -39.08
N GLN C 201 -46.25 3.32 -38.33
CA GLN C 201 -46.28 3.61 -36.90
C GLN C 201 -45.05 2.98 -36.25
N ASP C 202 -44.85 1.70 -36.55
CA ASP C 202 -43.73 0.94 -36.02
C ASP C 202 -42.39 1.60 -36.36
N MET C 203 -42.24 2.06 -37.60
CA MET C 203 -40.97 2.65 -38.00
C MET C 203 -40.78 4.00 -37.33
N GLU C 204 -41.89 4.67 -37.04
CA GLU C 204 -41.85 5.95 -36.35
C GLU C 204 -41.37 5.77 -34.92
N ALA C 205 -41.77 4.66 -34.31
CA ALA C 205 -41.41 4.38 -32.93
C ALA C 205 -39.93 4.08 -32.84
N THR C 206 -39.43 3.29 -33.80
CA THR C 206 -38.01 3.01 -33.91
C THR C 206 -37.22 4.31 -34.02
N LYS C 207 -37.68 5.20 -34.90
CA LYS C 207 -37.07 6.53 -35.06
C LYS C 207 -37.14 7.37 -33.79
N LYS C 208 -38.26 7.32 -33.07
CA LYS C 208 -38.37 8.00 -31.79
C LYS C 208 -37.35 7.42 -30.81
N GLN C 209 -37.19 6.09 -30.86
CA GLN C 209 -36.24 5.39 -30.01
C GLN C 209 -34.81 5.83 -30.27
N ILE C 210 -34.39 5.77 -31.53
CA ILE C 210 -33.08 6.25 -31.90
C ILE C 210 -32.84 7.67 -31.41
N ASN C 211 -33.81 8.55 -31.66
CA ASN C 211 -33.65 9.94 -31.28
C ASN C 211 -33.64 10.15 -29.77
N ALA C 212 -34.34 9.29 -29.04
CA ALA C 212 -34.27 9.34 -27.58
C ALA C 212 -32.86 8.96 -27.11
N ALA C 213 -32.25 8.00 -27.79
CA ALA C 213 -30.91 7.54 -27.43
C ALA C 213 -29.96 8.74 -27.49
N ARG C 214 -30.09 9.51 -28.57
CA ARG C 214 -29.26 10.69 -28.78
C ARG C 214 -29.43 11.73 -27.69
N GLU C 215 -30.67 11.96 -27.29
CA GLU C 215 -30.96 12.91 -26.23
C GLU C 215 -30.38 12.40 -24.90
N VAL C 216 -30.55 11.11 -24.61
CA VAL C 216 -29.94 10.57 -23.41
C VAL C 216 -28.39 10.67 -23.48
N MET C 217 -27.84 10.43 -24.66
CA MET C 217 -26.38 10.42 -24.81
C MET C 217 -25.74 11.79 -24.58
N SER C 218 -26.50 12.86 -24.77
CA SER C 218 -25.97 14.22 -24.60
C SER C 218 -26.64 14.96 -23.44
N ASP C 219 -27.15 14.20 -22.48
CA ASP C 219 -27.74 14.74 -21.27
C ASP C 219 -26.80 14.43 -20.11
N PRO C 220 -26.20 15.46 -19.51
CA PRO C 220 -25.10 15.27 -18.56
C PRO C 220 -25.59 14.59 -17.32
N GLU C 221 -26.90 14.53 -17.13
CA GLU C 221 -27.47 13.87 -15.95
C GLU C 221 -27.63 12.35 -16.16
N ARG C 222 -27.56 11.92 -17.41
CA ARG C 222 -27.73 10.50 -17.71
C ARG C 222 -26.44 9.83 -18.24
N THR C 223 -25.64 10.58 -18.97
CA THR C 223 -24.50 9.97 -19.66
C THR C 223 -23.24 10.80 -19.52
N SER C 224 -22.15 10.14 -19.20
CA SER C 224 -20.86 10.82 -19.17
C SER C 224 -19.78 10.00 -19.86
N PHE C 225 -18.71 10.69 -20.23
CA PHE C 225 -17.55 10.07 -20.87
C PHE C 225 -16.34 10.35 -19.99
N LYS C 226 -15.63 9.29 -19.63
CA LYS C 226 -14.41 9.41 -18.87
C LYS C 226 -13.29 9.06 -19.80
N MET C 227 -12.34 9.98 -19.92
CA MET C 227 -11.23 9.81 -20.84
C MET C 227 -10.05 9.29 -20.06
N VAL C 228 -9.44 8.21 -20.54
CA VAL C 228 -8.22 7.69 -19.91
C VAL C 228 -6.98 8.07 -20.76
N VAL C 229 -5.94 8.57 -20.11
CA VAL C 229 -4.70 8.88 -20.81
C VAL C 229 -3.52 8.33 -20.02
N ILE C 230 -2.36 8.23 -20.69
CA ILE C 230 -1.12 7.97 -19.98
C ILE C 230 -0.27 9.22 -20.20
N PRO C 231 0.76 9.42 -19.38
CA PRO C 231 1.55 10.66 -19.43
C PRO C 231 2.56 10.62 -20.56
N GLU C 232 2.07 10.55 -21.78
CA GLU C 232 2.93 10.54 -22.96
C GLU C 232 2.20 11.36 -24.03
N GLU C 233 2.93 12.23 -24.69
CA GLU C 233 2.33 13.18 -25.63
C GLU C 233 1.40 12.51 -26.64
N MET C 234 1.77 11.34 -27.15
CA MET C 234 0.97 10.75 -28.21
C MET C 234 -0.46 10.47 -27.75
N SER C 235 -0.58 10.06 -26.48
CA SER C 235 -1.87 9.84 -25.82
C SER C 235 -2.57 11.16 -25.47
N ILE C 236 -1.83 12.08 -24.87
CA ILE C 236 -2.38 13.38 -24.51
C ILE C 236 -2.95 14.09 -25.75
N TYR C 237 -2.18 14.12 -26.83
CA TYR C 237 -2.64 14.80 -28.06
C TYR C 237 -3.85 14.14 -28.67
N GLU C 238 -3.88 12.81 -28.66
CA GLU C 238 -5.02 12.12 -29.24
C GLU C 238 -6.26 12.43 -28.43
N SER C 239 -6.09 12.41 -27.12
CA SER C 239 -7.23 12.58 -26.25
C SER C 239 -7.73 14.02 -26.29
N GLU C 240 -6.80 14.94 -26.51
CA GLU C 240 -7.11 16.37 -26.63
C GLU C 240 -8.04 16.58 -27.82
N ARG C 241 -7.67 16.00 -28.96
CA ARG C 241 -8.49 16.02 -30.17
C ARG C 241 -9.82 15.30 -30.01
N ALA C 242 -9.78 14.16 -29.33
CA ALA C 242 -11.00 13.38 -29.10
C ALA C 242 -11.99 14.20 -28.27
N MET C 243 -11.49 14.84 -27.22
CA MET C 243 -12.31 15.62 -26.32
C MET C 243 -12.95 16.82 -27.02
N LYS C 244 -12.26 17.38 -28.00
CA LYS C 244 -12.81 18.51 -28.74
C LYS C 244 -13.95 18.01 -29.63
N ALA C 245 -13.74 16.86 -30.25
CA ALA C 245 -14.80 16.19 -30.99
C ALA C 245 -16.00 15.87 -30.07
N LEU C 246 -15.76 15.25 -28.93
CA LEU C 246 -16.83 14.99 -27.98
C LEU C 246 -17.60 16.26 -27.56
N GLU C 247 -16.89 17.30 -27.18
CA GLU C 247 -17.53 18.48 -26.60
C GLU C 247 -18.34 19.25 -27.65
N LYS C 248 -17.95 19.10 -28.91
CA LYS C 248 -18.61 19.79 -30.01
C LYS C 248 -20.01 19.25 -30.17
N TYR C 249 -20.16 17.96 -29.88
CA TYR C 249 -21.42 17.27 -30.12
C TYR C 249 -22.13 16.94 -28.81
N SER C 250 -21.79 17.72 -27.79
CA SER C 250 -22.50 17.72 -26.53
C SER C 250 -22.52 16.37 -25.80
N ILE C 251 -21.51 15.53 -26.05
CA ILE C 251 -21.21 14.42 -25.15
C ILE C 251 -20.44 14.95 -23.94
N HIS C 252 -21.02 14.76 -22.75
CA HIS C 252 -20.47 15.35 -21.52
C HIS C 252 -19.24 14.61 -21.01
N ALA C 253 -18.05 15.07 -21.40
CA ALA C 253 -16.81 14.46 -20.96
C ALA C 253 -16.28 15.21 -19.74
N ASP C 254 -16.49 14.67 -18.53
CA ASP C 254 -16.23 15.48 -17.35
C ASP C 254 -15.01 15.07 -16.51
N GLY C 255 -14.39 13.94 -16.83
CA GLY C 255 -13.26 13.47 -16.04
C GLY C 255 -12.16 12.83 -16.89
N VAL C 256 -10.93 12.99 -16.44
CA VAL C 256 -9.78 12.44 -17.13
C VAL C 256 -9.00 11.59 -16.13
N ILE C 257 -8.72 10.34 -16.47
CA ILE C 257 -7.86 9.48 -15.66
C ILE C 257 -6.48 9.32 -16.30
N VAL C 258 -5.46 9.65 -15.53
CA VAL C 258 -4.10 9.47 -16.00
C VAL C 258 -3.61 8.18 -15.38
N ASN C 259 -3.34 7.21 -16.25
CA ASN C 259 -3.03 5.83 -15.84
C ASN C 259 -1.55 5.51 -15.99
N GLN C 260 -1.10 4.46 -15.32
CA GLN C 260 0.27 3.97 -15.47
C GLN C 260 1.31 5.02 -15.11
N VAL C 261 1.09 5.71 -13.99
CA VAL C 261 2.01 6.75 -13.50
C VAL C 261 3.07 6.16 -12.56
N LEU C 262 4.34 6.19 -13.00
CA LEU C 262 5.46 5.71 -12.17
C LEU C 262 5.44 6.37 -10.79
N PRO C 263 5.44 5.56 -9.72
CA PRO C 263 5.37 6.15 -8.38
C PRO C 263 6.75 6.65 -7.95
N GLU C 264 6.83 7.31 -6.80
CA GLU C 264 8.12 7.77 -6.27
C GLU C 264 8.80 6.70 -5.42
N GLU C 265 9.10 5.57 -6.05
CA GLU C 265 9.84 4.49 -5.41
C GLU C 265 10.73 3.89 -6.49
N SER C 266 10.50 4.34 -7.71
CA SER C 266 11.42 4.10 -8.82
C SER C 266 12.57 5.09 -8.68
N ASP C 267 13.72 4.60 -8.24
CA ASP C 267 14.83 5.49 -7.91
C ASP C 267 16.07 5.32 -8.79
N CYS C 268 16.12 4.24 -9.57
CA CYS C 268 17.26 4.03 -10.48
C CYS C 268 17.33 5.15 -11.51
N GLU C 269 18.50 5.33 -12.13
CA GLU C 269 18.67 6.38 -13.12
C GLU C 269 17.62 6.32 -14.22
N PHE C 270 17.37 5.11 -14.74
CA PHE C 270 16.45 4.91 -15.85
C PHE C 270 15.05 5.40 -15.51
N CYS C 271 14.57 5.03 -14.32
CA CYS C 271 13.26 5.47 -13.84
C CYS C 271 13.18 6.96 -13.61
N ASN C 272 14.17 7.51 -12.93
CA ASN C 272 14.19 8.93 -12.64
C ASN C 272 13.93 9.69 -13.91
N ALA C 273 14.56 9.25 -15.01
CA ALA C 273 14.40 9.94 -16.27
C ALA C 273 12.98 9.74 -16.81
N ARG C 274 12.51 8.49 -16.82
CA ARG C 274 11.14 8.20 -17.25
C ARG C 274 10.16 9.04 -16.42
N ARG C 275 10.33 9.02 -15.10
CA ARG C 275 9.41 9.69 -14.17
C ARG C 275 9.45 11.21 -14.30
N LYS C 276 10.63 11.77 -14.54
CA LYS C 276 10.75 13.21 -14.79
C LYS C 276 9.94 13.63 -16.03
N LEU C 277 9.99 12.82 -17.08
CA LEU C 277 9.26 13.12 -18.30
C LEU C 277 7.75 13.05 -18.03
N GLN C 278 7.34 12.01 -17.30
CA GLN C 278 5.93 11.81 -16.95
C GLN C 278 5.32 12.99 -16.18
N GLN C 279 6.04 13.44 -15.15
CA GLN C 279 5.63 14.58 -14.34
C GLN C 279 5.48 15.86 -15.13
N GLU C 280 6.29 16.03 -16.18
CA GLU C 280 6.13 17.17 -17.09
C GLU C 280 4.87 16.96 -17.94
N ARG C 281 4.63 15.73 -18.37
CA ARG C 281 3.38 15.40 -19.06
C ARG C 281 2.19 15.63 -18.14
N LEU C 282 2.34 15.28 -16.86
CA LEU C 282 1.26 15.52 -15.90
C LEU C 282 0.92 17.00 -15.81
N LYS C 283 1.95 17.85 -15.82
CA LYS C 283 1.72 19.28 -15.83
C LYS C 283 0.95 19.71 -17.09
N GLN C 284 1.36 19.22 -18.25
CA GLN C 284 0.62 19.51 -19.48
C GLN C 284 -0.84 19.04 -19.40
N ILE C 285 -1.05 17.87 -18.82
CA ILE C 285 -2.40 17.33 -18.72
C ILE C 285 -3.30 18.18 -17.83
N ARG C 286 -2.80 18.59 -16.67
CA ARG C 286 -3.58 19.41 -15.76
C ARG C 286 -3.97 20.78 -16.32
N GLU C 287 -3.17 21.29 -17.25
CA GLU C 287 -3.49 22.57 -17.88
C GLU C 287 -4.35 22.43 -19.15
N LYS C 288 -4.12 21.39 -19.95
CA LYS C 288 -4.98 21.15 -21.11
C LYS C 288 -6.40 20.74 -20.68
N PHE C 289 -6.51 20.13 -19.49
CA PHE C 289 -7.81 19.68 -18.98
C PHE C 289 -8.21 20.38 -17.68
N SER C 290 -7.83 21.66 -17.55
CA SER C 290 -8.04 22.41 -16.32
C SER C 290 -9.51 22.59 -16.03
N ASP C 291 -10.36 22.36 -17.03
CA ASP C 291 -11.80 22.44 -16.82
C ASP C 291 -12.42 21.11 -16.35
N LYS C 292 -11.59 20.07 -16.25
CA LYS C 292 -12.11 18.75 -15.90
C LYS C 292 -11.55 18.27 -14.57
N VAL C 293 -12.16 17.24 -13.99
CA VAL C 293 -11.54 16.57 -12.85
C VAL C 293 -10.46 15.60 -13.35
N VAL C 294 -9.23 15.76 -12.86
CA VAL C 294 -8.11 14.94 -13.27
C VAL C 294 -7.67 14.06 -12.11
N ALA C 295 -7.68 12.74 -12.30
CA ALA C 295 -7.20 11.80 -11.28
C ALA C 295 -6.10 10.89 -11.82
N GLU C 296 -5.22 10.43 -10.93
CA GLU C 296 -4.13 9.53 -11.32
C GLU C 296 -4.36 8.13 -10.81
N VAL C 297 -3.83 7.16 -11.56
CA VAL C 297 -3.77 5.76 -11.15
C VAL C 297 -2.32 5.30 -11.29
N PRO C 298 -1.69 4.93 -10.17
CA PRO C 298 -0.30 4.51 -10.26
C PRO C 298 -0.08 3.26 -11.13
N LEU C 299 1.09 3.21 -11.77
CA LEU C 299 1.56 1.98 -12.41
C LEU C 299 1.84 0.99 -11.31
N LEU C 300 1.38 -0.25 -11.49
CA LEU C 300 1.64 -1.30 -10.51
C LEU C 300 2.97 -2.02 -10.75
N LYS C 301 3.39 -2.84 -9.78
CA LYS C 301 4.61 -3.63 -9.93
C LYS C 301 4.35 -4.77 -10.90
N LYS C 302 3.08 -5.11 -11.02
CA LYS C 302 2.63 -6.21 -11.85
C LYS C 302 1.61 -5.74 -12.89
N GLU C 303 1.18 -6.66 -13.74
CA GLU C 303 0.12 -6.36 -14.69
C GLU C 303 -1.23 -6.20 -13.98
N ALA C 304 -1.95 -5.14 -14.35
CA ALA C 304 -3.28 -4.90 -13.83
C ALA C 304 -4.21 -5.91 -14.49
N LYS C 305 -4.57 -6.93 -13.74
CA LYS C 305 -5.29 -8.08 -14.27
C LYS C 305 -5.84 -8.89 -13.10
N GLY C 306 -7.06 -9.38 -13.24
CA GLY C 306 -7.65 -10.19 -12.18
C GLY C 306 -8.39 -9.34 -11.17
N ILE C 307 -9.40 -9.95 -10.55
CA ILE C 307 -10.37 -9.20 -9.76
C ILE C 307 -9.82 -8.58 -8.50
N GLU C 308 -8.91 -9.27 -7.80
CA GLU C 308 -8.38 -8.68 -6.58
C GLU C 308 -7.55 -7.44 -6.90
N THR C 309 -6.74 -7.52 -7.95
CA THR C 309 -5.93 -6.39 -8.39
C THR C 309 -6.81 -5.22 -8.86
N LEU C 310 -7.83 -5.51 -9.66
CA LEU C 310 -8.75 -4.46 -10.14
C LEU C 310 -9.44 -3.72 -9.00
N GLU C 311 -9.84 -4.44 -7.96
CA GLU C 311 -10.52 -3.86 -6.80
C GLU C 311 -9.66 -2.90 -6.01
N LYS C 312 -8.37 -3.20 -5.95
CA LYS C 312 -7.43 -2.34 -5.28
C LYS C 312 -7.27 -1.03 -6.06
N ILE C 313 -7.16 -1.13 -7.38
CA ILE C 313 -7.11 0.08 -8.20
C ILE C 313 -8.35 0.91 -7.90
N ALA C 314 -9.50 0.24 -7.82
CA ALA C 314 -10.77 0.94 -7.58
C ALA C 314 -10.83 1.65 -6.24
N GLU C 315 -10.30 1.02 -5.18
CA GLU C 315 -10.34 1.63 -3.86
C GLU C 315 -9.47 2.86 -3.77
N GLN C 316 -8.31 2.81 -4.43
CA GLN C 316 -7.41 3.96 -4.45
C GLN C 316 -7.99 5.13 -5.27
N LEU C 317 -8.75 4.80 -6.32
CA LEU C 317 -9.32 5.82 -7.20
C LEU C 317 -10.64 6.38 -6.65
N TYR C 318 -11.44 5.49 -6.08
CA TYR C 318 -12.83 5.82 -5.71
C TYR C 318 -13.06 5.83 -4.20
N GLY C 319 -12.10 5.31 -3.45
CA GLY C 319 -12.24 5.17 -2.02
C GLY C 319 -13.08 3.95 -1.64
N GLU C 320 -13.28 3.78 -0.35
CA GLU C 320 -14.03 2.65 0.20
C GLU C 320 -15.44 2.62 -0.38
N PRO C 321 -15.84 1.46 -0.91
CA PRO C 321 -17.24 1.26 -1.33
C PRO C 321 -18.22 1.52 -0.18
N ALA D 2 18.73 -10.69 -38.87
CA ALA D 2 17.86 -11.75 -39.40
C ALA D 2 16.45 -11.22 -39.63
N PHE D 3 15.99 -10.33 -38.75
CA PHE D 3 14.65 -9.79 -38.85
C PHE D 3 14.48 -8.95 -40.12
N LYS D 4 15.51 -8.19 -40.49
CA LYS D 4 15.42 -7.36 -41.69
C LYS D 4 15.20 -8.18 -42.97
N ASP D 5 15.47 -9.48 -42.90
CA ASP D 5 15.33 -10.36 -44.05
C ASP D 5 13.86 -10.69 -44.34
N LEU D 6 13.00 -10.44 -43.36
CA LEU D 6 11.55 -10.71 -43.47
C LEU D 6 10.88 -9.80 -44.49
N PHE D 7 11.67 -8.87 -45.03
CA PHE D 7 11.19 -7.96 -46.05
C PHE D 7 11.80 -8.37 -47.38
N LYS D 8 10.96 -8.85 -48.28
CA LYS D 8 11.42 -9.30 -49.58
C LYS D 8 11.02 -8.29 -50.65
N PHE D 9 11.97 -7.94 -51.52
CA PHE D 9 11.73 -6.97 -52.57
C PHE D 9 11.94 -7.58 -53.95
N ASN D 10 11.03 -7.26 -54.86
CA ASN D 10 11.15 -7.63 -56.25
C ASN D 10 10.86 -6.41 -57.12
N LYS D 11 11.91 -5.73 -57.56
CA LYS D 11 11.77 -4.46 -58.27
C LYS D 11 10.70 -4.51 -59.35
N GLY D 12 9.95 -3.42 -59.49
CA GLY D 12 8.82 -3.37 -60.39
C GLY D 12 7.54 -3.79 -59.69
N LYS D 13 7.70 -4.46 -58.55
CA LYS D 13 6.55 -4.95 -57.80
C LYS D 13 6.54 -4.56 -56.32
N THR D 14 5.51 -3.82 -55.92
CA THR D 14 5.40 -3.23 -54.59
C THR D 14 5.32 -4.28 -53.49
N THR D 15 6.16 -4.14 -52.47
CA THR D 15 6.06 -4.96 -51.27
C THR D 15 5.13 -4.32 -50.26
N PHE D 16 4.18 -5.09 -49.73
CA PHE D 16 3.24 -4.56 -48.76
C PHE D 16 3.54 -5.14 -47.38
N VAL D 17 3.53 -4.28 -46.37
CA VAL D 17 3.68 -4.71 -44.98
C VAL D 17 2.59 -4.12 -44.08
N PHE D 18 1.92 -5.01 -43.36
CA PHE D 18 0.98 -4.62 -42.31
C PHE D 18 1.65 -4.76 -40.97
N ILE D 19 1.63 -3.67 -40.21
CA ILE D 19 2.15 -3.65 -38.86
C ILE D 19 0.95 -3.61 -37.96
N GLY D 20 0.80 -4.64 -37.14
CA GLY D 20 -0.41 -4.77 -36.36
C GLY D 20 -0.13 -5.13 -34.92
N GLY D 21 -1.20 -5.21 -34.13
CA GLY D 21 -1.08 -5.47 -32.71
C GLY D 21 -2.16 -4.78 -31.87
N LYS D 22 -2.11 -5.05 -30.57
CA LYS D 22 -3.09 -4.51 -29.63
C LYS D 22 -2.87 -3.00 -29.53
N GLY D 23 -3.82 -2.28 -28.95
CA GLY D 23 -3.71 -0.84 -28.80
C GLY D 23 -2.49 -0.46 -27.98
N GLY D 24 -1.80 0.60 -28.41
CA GLY D 24 -0.69 1.16 -27.67
C GLY D 24 0.61 0.37 -27.56
N VAL D 25 0.76 -0.68 -28.38
CA VAL D 25 1.96 -1.52 -28.28
C VAL D 25 3.11 -0.88 -29.08
N GLY D 26 2.79 -0.02 -30.03
CA GLY D 26 3.80 0.63 -30.83
C GLY D 26 3.74 0.36 -32.33
N LYS D 27 2.56 0.03 -32.84
CA LYS D 27 2.39 -0.16 -34.28
C LYS D 27 2.89 1.10 -35.03
N THR D 28 2.46 2.27 -34.57
CA THR D 28 2.81 3.49 -35.26
C THR D 28 4.32 3.76 -35.15
N THR D 29 4.86 3.59 -33.95
CA THR D 29 6.30 3.65 -33.73
C THR D 29 7.13 2.69 -34.61
N ILE D 30 6.73 1.43 -34.66
CA ILE D 30 7.45 0.47 -35.47
C ILE D 30 7.25 0.79 -36.97
N SER D 31 6.04 1.17 -37.36
CA SER D 31 5.78 1.52 -38.76
C SER D 31 6.67 2.68 -39.20
N ALA D 32 6.72 3.72 -38.38
CA ALA D 32 7.49 4.92 -38.73
C ALA D 32 9.01 4.65 -38.75
N ALA D 33 9.50 3.96 -37.73
CA ALA D 33 10.91 3.60 -37.70
C ALA D 33 11.32 2.76 -38.92
N THR D 34 10.42 1.87 -39.33
CA THR D 34 10.69 0.96 -40.45
C THR D 34 10.66 1.71 -41.78
N ALA D 35 9.66 2.57 -41.94
CA ALA D 35 9.55 3.40 -43.14
C ALA D 35 10.81 4.27 -43.38
N LEU D 36 11.26 4.95 -42.34
CA LEU D 36 12.48 5.76 -42.42
C LEU D 36 13.67 4.90 -42.85
N TRP D 37 13.84 3.78 -42.15
CA TRP D 37 14.92 2.84 -42.43
C TRP D 37 14.90 2.38 -43.89
N MET D 38 13.73 1.95 -44.38
CA MET D 38 13.58 1.58 -45.79
C MET D 38 13.99 2.73 -46.74
N ALA D 39 13.66 3.96 -46.35
CA ALA D 39 13.96 5.12 -47.18
C ALA D 39 15.47 5.42 -47.25
N ARG D 40 16.18 5.26 -46.13
CA ARG D 40 17.64 5.43 -46.11
C ARG D 40 18.29 4.34 -46.97
N SER D 41 17.77 3.12 -46.86
CA SER D 41 18.25 2.01 -47.67
C SER D 41 17.90 2.24 -49.15
N GLY D 42 17.27 3.37 -49.43
CA GLY D 42 17.00 3.77 -50.80
C GLY D 42 15.81 3.09 -51.47
N LYS D 43 14.91 2.55 -50.67
CA LYS D 43 13.65 2.05 -51.21
C LYS D 43 12.64 3.18 -51.18
N LYS D 44 11.96 3.41 -52.29
CA LYS D 44 10.95 4.45 -52.32
C LYS D 44 9.82 3.91 -51.45
N THR D 45 9.48 4.66 -50.40
CA THR D 45 8.60 4.15 -49.37
C THR D 45 7.40 5.06 -49.16
N LEU D 46 6.23 4.44 -49.00
CA LEU D 46 5.02 5.12 -48.58
C LEU D 46 4.54 4.45 -47.30
N VAL D 47 4.27 5.24 -46.27
CA VAL D 47 3.70 4.71 -45.03
C VAL D 47 2.29 5.28 -44.86
N ILE D 48 1.32 4.39 -44.66
CA ILE D 48 -0.08 4.77 -44.64
C ILE D 48 -0.74 4.38 -43.34
N SER D 49 -1.23 5.37 -42.60
CA SER D 49 -1.96 5.14 -41.38
C SER D 49 -3.42 4.83 -41.73
N THR D 50 -3.91 3.68 -41.26
CA THR D 50 -5.30 3.33 -41.50
C THR D 50 -6.07 3.45 -40.19
N ASP D 51 -5.40 3.94 -39.16
CA ASP D 51 -6.06 4.17 -37.89
C ASP D 51 -6.89 5.48 -37.98
N PRO D 52 -8.21 5.39 -37.82
CA PRO D 52 -9.05 6.59 -37.92
C PRO D 52 -8.53 7.72 -37.05
N ALA D 53 -8.06 7.39 -35.86
CA ALA D 53 -7.39 8.40 -35.03
C ALA D 53 -5.91 8.42 -35.41
N HIS D 54 -5.48 9.26 -36.35
CA HIS D 54 -4.11 9.09 -36.85
C HIS D 54 -3.04 9.49 -35.83
N SER D 55 -1.93 8.76 -35.78
CA SER D 55 -0.82 9.15 -34.91
C SER D 55 0.51 9.32 -35.65
N LEU D 56 0.51 9.09 -36.95
CA LEU D 56 1.73 9.17 -37.75
C LEU D 56 2.33 10.58 -37.65
N SER D 57 1.47 11.59 -37.77
CA SER D 57 1.86 13.00 -37.58
C SER D 57 2.53 13.28 -36.24
N ASP D 58 2.00 12.72 -35.16
CA ASP D 58 2.60 12.93 -33.85
C ASP D 58 3.93 12.19 -33.79
N SER D 59 3.95 10.95 -34.27
CA SER D 59 5.16 10.14 -34.27
C SER D 59 6.33 10.78 -35.04
N LEU D 60 6.08 11.23 -36.25
CA LEU D 60 7.15 11.84 -37.03
C LEU D 60 7.31 13.34 -36.73
N GLU D 61 6.37 13.88 -35.96
CA GLU D 61 6.36 15.31 -35.63
C GLU D 61 6.30 16.23 -36.85
N ARG D 62 5.59 15.79 -37.88
CA ARG D 62 5.36 16.58 -39.08
C ARG D 62 3.85 16.64 -39.30
N GLU D 63 3.40 17.58 -40.13
CA GLU D 63 2.00 17.61 -40.55
C GLU D 63 1.79 16.75 -41.79
N ILE D 64 0.84 15.83 -41.71
CA ILE D 64 0.63 14.89 -42.79
C ILE D 64 -0.83 14.94 -43.21
N GLY D 65 -1.08 14.96 -44.51
CA GLY D 65 -2.45 14.98 -45.00
C GLY D 65 -2.85 13.67 -45.64
N HIS D 66 -3.98 13.71 -46.34
CA HIS D 66 -4.46 12.54 -47.08
C HIS D 66 -3.62 12.28 -48.34
N THR D 67 -3.20 13.35 -49.01
CA THR D 67 -2.35 13.23 -50.19
C THR D 67 -0.93 12.88 -49.74
N PRO D 68 -0.28 11.95 -50.45
CA PRO D 68 1.02 11.50 -49.94
C PRO D 68 1.97 12.65 -49.66
N THR D 69 2.45 12.70 -48.42
CA THR D 69 3.26 13.81 -47.95
C THR D 69 4.72 13.42 -47.77
N LYS D 70 5.60 14.15 -48.46
CA LYS D 70 7.03 13.86 -48.43
C LYS D 70 7.61 14.14 -47.05
N ILE D 71 8.32 13.17 -46.49
CA ILE D 71 8.94 13.37 -45.19
C ILE D 71 10.44 13.65 -45.32
N THR D 72 11.10 12.79 -46.10
CA THR D 72 12.53 12.83 -46.32
C THR D 72 12.76 12.14 -47.66
N GLU D 73 14.00 12.10 -48.14
CA GLU D 73 14.27 11.49 -49.44
C GLU D 73 13.78 10.04 -49.48
N ASN D 74 12.99 9.72 -50.50
CA ASN D 74 12.43 8.37 -50.64
C ASN D 74 11.24 8.04 -49.72
N LEU D 75 10.89 8.95 -48.79
CA LEU D 75 9.81 8.67 -47.85
C LEU D 75 8.57 9.56 -48.02
N TYR D 76 7.42 8.90 -48.08
CA TYR D 76 6.14 9.59 -48.21
C TYR D 76 5.16 8.98 -47.21
N ALA D 77 4.30 9.81 -46.65
CA ALA D 77 3.36 9.35 -45.65
C ALA D 77 1.95 9.81 -46.00
N VAL D 78 0.97 9.03 -45.55
CA VAL D 78 -0.42 9.37 -45.78
C VAL D 78 -1.17 9.07 -44.49
N GLU D 79 -2.03 10.00 -44.10
CA GLU D 79 -3.03 9.75 -43.07
C GLU D 79 -4.38 9.85 -43.76
N ILE D 80 -5.07 8.72 -43.85
CA ILE D 80 -6.31 8.63 -44.59
C ILE D 80 -7.40 9.54 -44.03
N ASP D 81 -7.96 10.37 -44.92
CA ASP D 81 -9.14 11.16 -44.63
C ASP D 81 -10.32 10.67 -45.47
N PRO D 82 -11.22 9.90 -44.86
CA PRO D 82 -12.36 9.29 -45.54
C PRO D 82 -13.22 10.31 -46.30
N GLU D 83 -13.17 11.58 -45.92
CA GLU D 83 -13.99 12.59 -46.56
C GLU D 83 -13.41 12.83 -47.94
N VAL D 84 -12.08 12.84 -48.00
CA VAL D 84 -11.36 13.03 -49.24
C VAL D 84 -11.40 11.77 -50.09
N ALA D 85 -11.38 10.62 -49.43
CA ALA D 85 -11.40 9.37 -50.18
C ALA D 85 -12.73 9.27 -50.92
N MET D 86 -13.79 9.74 -50.27
CA MET D 86 -15.13 9.73 -50.86
C MET D 86 -15.15 10.61 -52.12
N GLU D 87 -14.58 11.80 -52.01
CA GLU D 87 -14.47 12.70 -53.15
C GLU D 87 -13.70 12.07 -54.31
N GLU D 88 -12.61 11.38 -53.99
CA GLU D 88 -11.82 10.67 -55.00
C GLU D 88 -12.63 9.55 -55.68
N TYR D 89 -13.36 8.78 -54.88
CA TYR D 89 -14.23 7.72 -55.38
C TYR D 89 -15.32 8.31 -56.28
N GLN D 90 -15.82 9.48 -55.91
CA GLN D 90 -16.86 10.15 -56.69
C GLN D 90 -16.37 10.64 -58.05
N ALA D 91 -15.16 11.21 -58.08
CA ALA D 91 -14.60 11.78 -59.31
C ALA D 91 -14.50 10.75 -60.43
N LYS D 92 -13.99 9.57 -60.09
CA LYS D 92 -13.80 8.51 -61.08
C LYS D 92 -15.08 8.22 -61.87
N LEU D 93 -16.18 7.99 -61.16
CA LEU D 93 -17.45 7.64 -61.79
C LEU D 93 -17.78 8.59 -62.95
N MET D 107 -29.51 14.64 -54.71
CA MET D 107 -29.23 14.34 -53.31
C MET D 107 -28.18 13.24 -53.18
N LEU D 108 -27.37 13.08 -54.23
CA LEU D 108 -26.31 12.08 -54.24
C LEU D 108 -25.11 12.56 -53.42
N GLN D 109 -25.08 13.86 -53.12
CA GLN D 109 -24.05 14.43 -52.24
C GLN D 109 -24.40 14.19 -50.77
N ASP D 110 -25.67 14.36 -50.43
CA ASP D 110 -26.13 14.04 -49.08
C ASP D 110 -25.72 12.63 -48.67
N GLN D 111 -25.80 11.71 -49.63
CA GLN D 111 -25.37 10.33 -49.41
C GLN D 111 -23.85 10.22 -49.25
N MET D 112 -23.10 11.01 -50.01
CA MET D 112 -21.65 11.05 -49.88
C MET D 112 -21.26 11.52 -48.49
N ASP D 113 -21.82 12.66 -48.10
CA ASP D 113 -21.61 13.22 -46.78
C ASP D 113 -21.91 12.20 -45.68
N MET D 114 -23.04 11.50 -45.81
CA MET D 114 -23.45 10.51 -44.80
C MET D 114 -22.48 9.33 -44.76
N ALA D 115 -22.14 8.83 -45.95
CA ALA D 115 -21.23 7.70 -46.07
C ALA D 115 -19.88 8.05 -45.48
N SER D 116 -19.48 9.32 -45.63
CA SER D 116 -18.18 9.80 -45.17
C SER D 116 -17.97 9.67 -43.66
N MET D 117 -19.05 9.63 -42.90
CA MET D 117 -18.88 9.55 -41.45
C MET D 117 -19.45 8.25 -40.86
N SER D 118 -19.80 7.32 -41.74
CA SER D 118 -20.36 6.05 -41.30
C SER D 118 -19.31 5.06 -40.83
N PRO D 119 -19.65 4.29 -39.78
CA PRO D 119 -18.79 3.21 -39.32
C PRO D 119 -18.42 2.31 -40.49
N GLY D 120 -17.14 1.96 -40.57
CA GLY D 120 -16.65 1.11 -41.65
C GLY D 120 -16.01 1.93 -42.77
N ILE D 121 -16.27 3.23 -42.79
CA ILE D 121 -15.74 4.04 -43.90
C ILE D 121 -14.21 4.07 -43.88
N ASP D 122 -13.62 3.94 -42.70
CA ASP D 122 -12.17 4.00 -42.58
C ASP D 122 -11.51 2.79 -43.18
N GLU D 123 -12.17 1.64 -43.04
CA GLU D 123 -11.60 0.40 -43.54
C GLU D 123 -11.75 0.34 -45.06
N ALA D 124 -12.90 0.81 -45.55
CA ALA D 124 -13.14 0.88 -46.98
C ALA D 124 -12.07 1.78 -47.60
N ALA D 125 -11.86 2.93 -46.96
CA ALA D 125 -10.90 3.93 -47.42
C ALA D 125 -9.50 3.36 -47.47
N ALA D 126 -9.15 2.52 -46.50
CA ALA D 126 -7.83 1.89 -46.45
C ALA D 126 -7.68 0.87 -47.59
N PHE D 127 -8.74 0.11 -47.84
CA PHE D 127 -8.70 -0.86 -48.93
C PHE D 127 -8.50 -0.17 -50.28
N ASP D 128 -9.13 0.99 -50.46
CA ASP D 128 -8.91 1.83 -51.63
C ASP D 128 -7.42 2.13 -51.83
N GLN D 129 -6.73 2.49 -50.76
CA GLN D 129 -5.30 2.78 -50.85
C GLN D 129 -4.58 1.57 -51.38
N PHE D 130 -4.95 0.40 -50.88
CA PHE D 130 -4.32 -0.83 -51.32
C PHE D 130 -4.52 -1.01 -52.82
N LEU D 131 -5.73 -0.77 -53.29
CA LEU D 131 -6.03 -0.94 -54.71
C LEU D 131 -5.17 -0.01 -55.54
N ARG D 132 -4.99 1.22 -55.04
CA ARG D 132 -4.21 2.23 -55.75
C ARG D 132 -2.72 1.88 -55.95
N TYR D 133 -2.13 1.16 -55.01
CA TYR D 133 -0.68 0.93 -55.05
C TYR D 133 -0.29 -0.49 -55.40
N MET D 134 -1.30 -1.29 -55.71
CA MET D 134 -1.09 -2.68 -56.12
C MET D 134 -0.75 -2.74 -57.61
N THR D 135 -1.43 -1.92 -58.40
CA THR D 135 -1.27 -1.89 -59.86
C THR D 135 -0.14 -0.95 -60.31
N THR D 136 -0.18 0.29 -59.85
CA THR D 136 0.79 1.30 -60.28
C THR D 136 2.22 0.93 -59.90
N ASP D 137 2.38 0.31 -58.75
CA ASP D 137 3.69 0.00 -58.22
C ASP D 137 4.58 1.24 -58.35
N GLU D 138 4.06 2.34 -57.80
CA GLU D 138 4.72 3.64 -57.80
C GLU D 138 5.79 3.67 -56.71
N TYR D 139 5.61 2.80 -55.72
CA TYR D 139 6.51 2.71 -54.57
C TYR D 139 7.17 1.34 -54.50
N ASP D 140 8.35 1.27 -53.91
CA ASP D 140 9.05 0.01 -53.75
C ASP D 140 8.47 -0.79 -52.61
N ILE D 141 7.97 -0.09 -51.60
CA ILE D 141 7.32 -0.73 -50.47
C ILE D 141 6.27 0.20 -49.88
N VAL D 142 5.13 -0.39 -49.51
CA VAL D 142 4.07 0.36 -48.87
C VAL D 142 3.77 -0.29 -47.53
N ILE D 143 3.88 0.51 -46.47
CA ILE D 143 3.69 0.04 -45.12
C ILE D 143 2.39 0.60 -44.53
N PHE D 144 1.48 -0.29 -44.14
CA PHE D 144 0.25 0.13 -43.49
C PHE D 144 0.42 0.16 -41.97
N ASP D 145 0.31 1.36 -41.40
CA ASP D 145 0.30 1.52 -39.95
C ASP D 145 -1.13 1.32 -39.44
N THR D 146 -1.46 0.10 -39.02
CA THR D 146 -2.85 -0.27 -38.80
C THR D 146 -3.43 0.11 -37.46
N ALA D 147 -4.76 0.09 -37.42
CA ALA D 147 -5.54 0.27 -36.21
C ALA D 147 -5.42 -0.95 -35.31
N PRO D 148 -5.78 -0.77 -34.03
CA PRO D 148 -5.64 -1.89 -33.10
C PRO D 148 -6.38 -3.15 -33.61
N THR D 149 -5.87 -4.32 -33.24
CA THR D 149 -6.34 -5.64 -33.65
C THR D 149 -7.75 -5.74 -34.16
N GLY D 150 -8.71 -5.39 -33.30
CA GLY D 150 -10.11 -5.64 -33.60
C GLY D 150 -10.51 -5.15 -34.98
N HIS D 151 -10.22 -3.88 -35.25
CA HIS D 151 -10.72 -3.28 -36.47
C HIS D 151 -9.86 -3.61 -37.70
N THR D 152 -8.61 -3.93 -37.48
CA THR D 152 -7.75 -4.30 -38.59
C THR D 152 -8.09 -5.69 -39.12
N LEU D 153 -8.57 -6.56 -38.23
CA LEU D 153 -9.13 -7.84 -38.69
C LEU D 153 -10.30 -7.56 -39.64
N ARG D 154 -11.13 -6.57 -39.30
CA ARG D 154 -12.21 -6.18 -40.21
C ARG D 154 -11.65 -5.72 -41.54
N LEU D 155 -10.62 -4.89 -41.49
CA LEU D 155 -10.01 -4.40 -42.71
C LEU D 155 -9.57 -5.56 -43.62
N LEU D 156 -8.84 -6.52 -43.05
CA LEU D 156 -8.25 -7.59 -43.85
C LEU D 156 -9.29 -8.58 -44.36
N SER D 157 -10.46 -8.61 -43.74
CA SER D 157 -11.48 -9.56 -44.13
C SER D 157 -12.42 -8.91 -45.13
N PHE D 158 -12.23 -7.61 -45.33
CA PHE D 158 -13.08 -6.82 -46.21
C PHE D 158 -12.94 -7.19 -47.71
N PRO D 159 -11.71 -7.49 -48.16
CA PRO D 159 -11.58 -7.80 -49.58
C PRO D 159 -12.44 -9.00 -49.98
N GLU D 160 -12.28 -10.11 -49.28
CA GLU D 160 -13.14 -11.27 -49.51
C GLU D 160 -14.62 -10.89 -49.57
N ILE D 161 -15.08 -10.17 -48.56
CA ILE D 161 -16.45 -9.66 -48.54
C ILE D 161 -16.76 -8.72 -49.72
N MET D 162 -15.80 -7.89 -50.10
CA MET D 162 -16.02 -6.96 -51.21
C MET D 162 -16.14 -7.73 -52.53
N ASP D 163 -15.38 -8.81 -52.66
CA ASP D 163 -15.39 -9.66 -53.85
C ASP D 163 -16.76 -10.33 -54.02
N SER D 164 -17.37 -10.71 -52.90
CA SER D 164 -18.67 -11.35 -52.92
C SER D 164 -19.79 -10.40 -53.33
N TRP D 165 -19.73 -9.17 -52.83
CA TRP D 165 -20.74 -8.17 -53.14
C TRP D 165 -20.67 -7.70 -54.60
N VAL D 166 -19.45 -7.50 -55.11
CA VAL D 166 -19.30 -7.09 -56.49
C VAL D 166 -19.83 -8.20 -57.38
N GLY D 167 -19.49 -9.43 -57.02
CA GLY D 167 -20.00 -10.60 -57.72
C GLY D 167 -21.51 -10.61 -57.88
N LYS D 168 -22.23 -10.23 -56.83
CA LYS D 168 -23.69 -10.29 -56.81
C LYS D 168 -24.37 -9.07 -57.42
N MET D 169 -23.64 -7.97 -57.54
CA MET D 169 -24.16 -6.79 -58.24
C MET D 169 -24.14 -7.04 -59.75
N ILE D 170 -23.19 -7.84 -60.19
CA ILE D 170 -23.10 -8.18 -61.61
C ILE D 170 -24.23 -9.13 -61.96
N LYS D 171 -24.35 -10.22 -61.20
CA LYS D 171 -25.42 -11.18 -61.39
C LYS D 171 -26.75 -10.49 -61.71
N ILE D 172 -27.09 -9.48 -60.91
CA ILE D 172 -28.37 -8.80 -61.09
C ILE D 172 -28.31 -7.76 -62.20
N ARG D 173 -27.16 -7.14 -62.39
CA ARG D 173 -27.02 -6.19 -63.49
C ARG D 173 -27.20 -6.96 -64.80
N ARG D 174 -26.69 -8.19 -64.84
CA ARG D 174 -26.79 -9.05 -66.01
C ARG D 174 -28.22 -9.49 -66.25
N GLN D 175 -28.89 -9.90 -65.18
CA GLN D 175 -30.22 -10.46 -65.30
C GLN D 175 -31.33 -9.41 -65.47
N ILE D 176 -31.15 -8.22 -64.92
CA ILE D 176 -32.12 -7.15 -65.17
C ILE D 176 -31.92 -6.63 -66.60
N GLY D 177 -30.72 -6.80 -67.12
CA GLY D 177 -30.44 -6.41 -68.49
C GLY D 177 -31.06 -7.37 -69.49
N SER D 178 -31.21 -8.62 -69.09
CA SER D 178 -31.87 -9.61 -69.93
C SER D 178 -33.38 -9.53 -69.76
N MET D 179 -33.83 -9.02 -68.62
CA MET D 179 -35.24 -8.76 -68.39
C MET D 179 -35.68 -7.66 -69.34
N ALA D 180 -34.79 -6.68 -69.52
CA ALA D 180 -35.07 -5.54 -70.38
C ALA D 180 -35.13 -5.92 -71.85
N LYS D 181 -34.40 -6.96 -72.23
CA LYS D 181 -34.38 -7.41 -73.62
C LYS D 181 -35.69 -8.09 -73.99
N ALA D 182 -36.25 -8.84 -73.04
CA ALA D 182 -37.47 -9.60 -73.30
C ALA D 182 -38.71 -8.71 -73.26
N PHE D 183 -38.81 -7.88 -72.23
CA PHE D 183 -39.95 -7.00 -72.05
C PHE D 183 -39.59 -5.55 -72.41
N LYS D 184 -38.90 -5.34 -73.51
CA LYS D 184 -38.40 -4.00 -73.83
C LYS D 184 -39.50 -2.98 -74.12
N ASN D 185 -40.60 -3.46 -74.71
CA ASN D 185 -41.70 -2.59 -75.07
C ASN D 185 -42.27 -1.80 -73.89
N ILE D 186 -42.28 -2.42 -72.71
CA ILE D 186 -42.90 -1.78 -71.54
C ILE D 186 -41.97 -1.27 -70.43
N LEU D 187 -40.68 -1.59 -70.43
CA LEU D 187 -39.82 -1.11 -69.34
C LEU D 187 -39.26 0.27 -69.60
N PRO D 188 -39.69 1.26 -68.80
CA PRO D 188 -39.17 2.61 -69.01
C PRO D 188 -37.78 2.73 -68.42
N PHE D 189 -37.09 3.82 -68.74
CA PHE D 189 -35.86 4.17 -68.03
C PHE D 189 -34.86 3.04 -68.05
N MET D 190 -34.76 2.37 -69.19
CA MET D 190 -33.80 1.29 -69.32
C MET D 190 -32.54 1.79 -70.02
N GLY D 191 -31.40 1.56 -69.39
CA GLY D 191 -30.12 1.86 -70.01
C GLY D 191 -30.09 1.13 -71.34
N ASP D 192 -29.75 1.84 -72.40
CA ASP D 192 -29.71 1.21 -73.71
C ASP D 192 -28.47 0.33 -73.83
N GLU D 193 -28.62 -0.76 -74.58
CA GLU D 193 -27.58 -1.76 -74.75
C GLU D 193 -26.16 -1.20 -74.69
N GLU D 194 -25.95 -0.03 -75.29
CA GLU D 194 -24.62 0.56 -75.36
C GLU D 194 -24.04 0.81 -73.97
N GLU D 195 -24.85 1.38 -73.08
CA GLU D 195 -24.40 1.75 -71.75
C GLU D 195 -24.28 0.55 -70.81
N GLU D 196 -25.24 -0.36 -70.90
CA GLU D 196 -25.26 -1.52 -70.02
C GLU D 196 -24.06 -2.44 -70.22
N ASP D 197 -23.65 -2.61 -71.48
CA ASP D 197 -22.46 -3.40 -71.79
C ASP D 197 -21.21 -2.74 -71.21
N ARG D 198 -21.25 -1.41 -71.10
CA ARG D 198 -20.15 -0.67 -70.51
C ARG D 198 -20.14 -0.87 -68.99
N ALA D 199 -21.22 -0.42 -68.35
CA ALA D 199 -21.36 -0.54 -66.91
C ALA D 199 -20.88 -1.90 -66.42
N LEU D 200 -21.11 -2.92 -67.23
CA LEU D 200 -20.74 -4.29 -66.90
C LEU D 200 -19.24 -4.58 -67.11
N GLN D 201 -18.63 -3.92 -68.08
CA GLN D 201 -17.18 -4.03 -68.26
C GLN D 201 -16.46 -3.38 -67.09
N ASP D 202 -16.97 -2.23 -66.67
CA ASP D 202 -16.39 -1.51 -65.53
C ASP D 202 -16.46 -2.37 -64.28
N MET D 203 -17.57 -3.07 -64.10
CA MET D 203 -17.77 -3.90 -62.91
C MET D 203 -16.96 -5.18 -62.96
N GLU D 204 -16.78 -5.71 -64.17
CA GLU D 204 -15.95 -6.88 -64.34
C GLU D 204 -14.50 -6.50 -64.03
N ALA D 205 -14.12 -5.31 -64.47
CA ALA D 205 -12.78 -4.78 -64.22
C ALA D 205 -12.57 -4.60 -62.71
N THR D 206 -13.56 -4.03 -62.06
CA THR D 206 -13.52 -3.80 -60.61
C THR D 206 -13.43 -5.11 -59.82
N LYS D 207 -14.11 -6.16 -60.29
CA LYS D 207 -14.05 -7.45 -59.59
C LYS D 207 -12.74 -8.18 -59.87
N LYS D 208 -12.14 -7.95 -61.03
CA LYS D 208 -10.84 -8.56 -61.33
C LYS D 208 -9.77 -7.89 -60.47
N GLN D 209 -9.91 -6.59 -60.29
CA GLN D 209 -8.98 -5.84 -59.45
C GLN D 209 -9.09 -6.26 -57.99
N ILE D 210 -10.31 -6.49 -57.52
CA ILE D 210 -10.53 -6.89 -56.14
C ILE D 210 -9.94 -8.26 -55.88
N ASN D 211 -10.17 -9.18 -56.81
CA ASN D 211 -9.63 -10.51 -56.70
C ASN D 211 -8.11 -10.49 -56.86
N ALA D 212 -7.60 -9.59 -57.70
CA ALA D 212 -6.17 -9.43 -57.86
C ALA D 212 -5.50 -9.08 -56.53
N ALA D 213 -6.20 -8.28 -55.71
CA ALA D 213 -5.67 -7.83 -54.43
C ALA D 213 -5.67 -8.91 -53.35
N ARG D 214 -6.76 -9.68 -53.28
CA ARG D 214 -6.83 -10.80 -52.36
C ARG D 214 -5.66 -11.71 -52.67
N GLU D 215 -5.33 -11.81 -53.95
CA GLU D 215 -4.24 -12.66 -54.41
C GLU D 215 -2.87 -12.12 -53.97
N VAL D 216 -2.68 -10.81 -54.10
CA VAL D 216 -1.43 -10.18 -53.70
C VAL D 216 -1.30 -10.21 -52.19
N MET D 217 -2.40 -9.98 -51.49
CA MET D 217 -2.39 -9.98 -50.03
C MET D 217 -1.96 -11.32 -49.43
N SER D 218 -2.49 -12.42 -49.95
CA SER D 218 -2.15 -13.76 -49.44
C SER D 218 -0.79 -14.26 -49.94
N ASP D 219 -0.21 -13.54 -50.89
CA ASP D 219 1.06 -13.92 -51.51
C ASP D 219 2.25 -13.50 -50.65
N PRO D 220 2.87 -14.46 -49.95
CA PRO D 220 3.94 -14.23 -48.96
C PRO D 220 5.17 -13.55 -49.55
N GLU D 221 5.34 -13.66 -50.86
CA GLU D 221 6.49 -13.05 -51.51
C GLU D 221 6.18 -11.60 -51.85
N ARG D 222 4.93 -11.20 -51.66
CA ARG D 222 4.55 -9.82 -51.93
C ARG D 222 3.93 -9.06 -50.75
N THR D 223 3.21 -9.75 -49.87
CA THR D 223 2.65 -9.08 -48.70
C THR D 223 2.89 -9.85 -47.41
N SER D 224 3.29 -9.12 -46.37
CA SER D 224 3.56 -9.73 -45.06
C SER D 224 2.84 -9.00 -43.92
N PHE D 225 2.83 -9.64 -42.76
CA PHE D 225 2.22 -9.06 -41.59
C PHE D 225 3.17 -9.18 -40.41
N LYS D 226 3.55 -8.04 -39.84
CA LYS D 226 4.37 -8.04 -38.63
C LYS D 226 3.49 -7.73 -37.42
N MET D 227 3.55 -8.61 -36.42
CA MET D 227 2.78 -8.45 -35.21
C MET D 227 3.63 -7.79 -34.12
N VAL D 228 3.18 -6.64 -33.61
CA VAL D 228 3.87 -5.98 -32.51
C VAL D 228 3.18 -6.32 -31.20
N VAL D 229 3.96 -6.76 -30.22
CA VAL D 229 3.41 -6.98 -28.89
C VAL D 229 4.27 -6.31 -27.80
N ILE D 230 3.73 -6.25 -26.58
CA ILE D 230 4.52 -5.90 -25.43
C ILE D 230 4.48 -7.12 -24.52
N PRO D 231 5.48 -7.24 -23.63
CA PRO D 231 5.60 -8.45 -22.80
C PRO D 231 4.65 -8.42 -21.58
N GLU D 232 3.35 -8.36 -21.85
CA GLU D 232 2.28 -8.46 -20.84
C GLU D 232 1.17 -9.34 -21.43
N GLU D 233 0.52 -10.12 -20.58
CA GLU D 233 -0.42 -11.14 -21.03
C GLU D 233 -1.56 -10.65 -21.91
N MET D 234 -2.19 -9.54 -21.53
CA MET D 234 -3.32 -9.05 -22.31
C MET D 234 -2.97 -8.79 -23.77
N SER D 235 -1.74 -8.34 -24.03
CA SER D 235 -1.26 -8.17 -25.40
C SER D 235 -0.86 -9.51 -26.04
N ILE D 236 -0.16 -10.34 -25.28
CA ILE D 236 0.20 -11.67 -25.77
C ILE D 236 -1.01 -12.48 -26.22
N TYR D 237 -2.06 -12.51 -25.40
CA TYR D 237 -3.26 -13.29 -25.69
C TYR D 237 -4.08 -12.75 -26.85
N GLU D 238 -4.20 -11.43 -26.95
CA GLU D 238 -4.94 -10.84 -28.05
C GLU D 238 -4.21 -11.11 -29.35
N SER D 239 -2.89 -11.08 -29.29
CA SER D 239 -2.09 -11.25 -30.48
C SER D 239 -2.09 -12.70 -30.93
N GLU D 240 -2.23 -13.61 -29.97
CA GLU D 240 -2.26 -15.02 -30.29
C GLU D 240 -3.54 -15.32 -31.03
N ARG D 241 -4.66 -14.90 -30.44
CA ARG D 241 -5.95 -14.98 -31.10
C ARG D 241 -5.89 -14.28 -32.45
N ALA D 242 -5.27 -13.11 -32.51
CA ALA D 242 -5.19 -12.38 -33.76
C ALA D 242 -4.47 -13.18 -34.84
N MET D 243 -3.39 -13.87 -34.48
CA MET D 243 -2.65 -14.72 -35.43
C MET D 243 -3.51 -15.88 -35.96
N LYS D 244 -4.23 -16.55 -35.07
CA LYS D 244 -5.15 -17.60 -35.47
C LYS D 244 -6.11 -17.08 -36.54
N ALA D 245 -6.75 -15.94 -36.25
CA ALA D 245 -7.76 -15.40 -37.15
C ALA D 245 -7.19 -14.98 -38.51
N LEU D 246 -5.96 -14.49 -38.53
CA LEU D 246 -5.31 -14.06 -39.77
C LEU D 246 -5.04 -15.24 -40.72
N GLU D 247 -5.29 -16.45 -40.26
CA GLU D 247 -5.11 -17.62 -41.10
C GLU D 247 -6.37 -17.89 -41.92
N LYS D 248 -7.52 -17.53 -41.36
CA LYS D 248 -8.79 -17.61 -42.07
C LYS D 248 -8.74 -16.81 -43.38
N TYR D 249 -7.83 -15.84 -43.47
CA TYR D 249 -7.70 -15.05 -44.69
C TYR D 249 -6.35 -15.27 -45.38
N SER D 250 -5.65 -16.31 -44.95
CA SER D 250 -4.37 -16.69 -45.56
C SER D 250 -3.29 -15.61 -45.43
N ILE D 251 -3.39 -14.79 -44.38
CA ILE D 251 -2.40 -13.74 -44.16
C ILE D 251 -1.11 -14.28 -43.58
N HIS D 252 0.00 -13.87 -44.17
CA HIS D 252 1.32 -14.36 -43.84
C HIS D 252 1.92 -13.57 -42.66
N ALA D 253 1.75 -14.09 -41.45
CA ALA D 253 2.35 -13.47 -40.27
C ALA D 253 3.68 -14.11 -39.92
N ASP D 254 4.79 -13.48 -40.32
CA ASP D 254 6.11 -14.10 -40.19
C ASP D 254 6.99 -13.57 -39.06
N GLY D 255 6.65 -12.42 -38.51
CA GLY D 255 7.52 -11.78 -37.53
C GLY D 255 6.76 -11.17 -36.36
N VAL D 256 7.36 -11.27 -35.18
CA VAL D 256 6.78 -10.65 -34.00
C VAL D 256 7.80 -9.75 -33.32
N ILE D 257 7.40 -8.50 -33.10
CA ILE D 257 8.25 -7.54 -32.40
C ILE D 257 7.73 -7.38 -30.97
N VAL D 258 8.59 -7.63 -30.00
CA VAL D 258 8.24 -7.40 -28.61
C VAL D 258 8.81 -6.05 -28.27
N ASN D 259 7.94 -5.05 -28.18
CA ASN D 259 8.38 -3.67 -27.98
C ASN D 259 8.35 -3.32 -26.50
N GLN D 260 8.93 -2.19 -26.13
CA GLN D 260 8.89 -1.70 -24.75
C GLN D 260 9.44 -2.66 -23.69
N VAL D 261 10.53 -3.35 -24.03
CA VAL D 261 11.17 -4.28 -23.10
C VAL D 261 12.07 -3.48 -22.16
N LEU D 262 11.84 -3.57 -20.85
CA LEU D 262 12.73 -2.87 -19.91
C LEU D 262 14.17 -3.36 -20.08
N PRO D 263 15.12 -2.46 -20.36
CA PRO D 263 16.54 -2.86 -20.47
C PRO D 263 17.14 -3.23 -19.11
N GLU D 264 18.24 -3.97 -19.12
CA GLU D 264 18.87 -4.46 -17.89
C GLU D 264 19.29 -3.34 -16.92
N GLU D 265 19.75 -2.21 -17.48
CA GLU D 265 20.07 -1.03 -16.67
C GLU D 265 18.92 -0.59 -15.73
N SER D 266 17.74 -1.17 -15.90
CA SER D 266 16.61 -0.92 -14.98
C SER D 266 16.85 -1.67 -13.68
N ASP D 267 17.41 -0.98 -12.70
CA ASP D 267 18.11 -1.61 -11.59
C ASP D 267 17.40 -1.50 -10.23
N CYS D 268 16.45 -0.58 -10.10
CA CYS D 268 15.84 -0.34 -8.79
C CYS D 268 14.89 -1.47 -8.35
N GLU D 269 14.38 -1.36 -7.13
CA GLU D 269 13.46 -2.36 -6.58
C GLU D 269 12.23 -2.53 -7.47
N PHE D 270 11.62 -1.40 -7.81
CA PHE D 270 10.42 -1.38 -8.66
C PHE D 270 10.68 -2.01 -10.04
N CYS D 271 11.70 -1.51 -10.72
CA CYS D 271 12.12 -2.05 -12.01
C CYS D 271 12.32 -3.55 -12.04
N ASN D 272 13.03 -4.07 -11.04
CA ASN D 272 13.33 -5.50 -11.02
C ASN D 272 12.07 -6.36 -11.05
N ALA D 273 11.13 -6.09 -10.15
CA ALA D 273 9.84 -6.81 -10.19
C ALA D 273 9.29 -6.80 -11.62
N ARG D 274 9.09 -5.62 -12.19
CA ARG D 274 8.51 -5.54 -13.53
C ARG D 274 9.35 -6.27 -14.59
N ARG D 275 10.67 -6.08 -14.53
CA ARG D 275 11.56 -6.75 -15.49
C ARG D 275 11.54 -8.27 -15.33
N LYS D 276 11.42 -8.74 -14.09
CA LYS D 276 11.35 -10.18 -13.86
C LYS D 276 10.13 -10.74 -14.57
N LEU D 277 9.00 -10.10 -14.35
CA LEU D 277 7.75 -10.48 -15.00
C LEU D 277 7.88 -10.39 -16.53
N GLN D 278 8.37 -9.27 -17.03
CA GLN D 278 8.50 -9.11 -18.48
C GLN D 278 9.36 -10.22 -19.06
N GLN D 279 10.41 -10.56 -18.35
CA GLN D 279 11.34 -11.58 -18.83
C GLN D 279 10.64 -12.93 -18.86
N GLU D 280 9.73 -13.18 -17.93
CA GLU D 280 8.94 -14.41 -17.97
C GLU D 280 8.00 -14.42 -19.16
N ARG D 281 7.34 -13.27 -19.38
CA ARG D 281 6.40 -13.13 -20.48
C ARG D 281 7.15 -13.31 -21.79
N LEU D 282 8.41 -12.89 -21.78
CA LEU D 282 9.24 -12.98 -22.96
C LEU D 282 9.49 -14.42 -23.35
N LYS D 283 9.73 -15.26 -22.36
CA LYS D 283 9.98 -16.67 -22.68
C LYS D 283 8.68 -17.33 -23.15
N GLN D 284 7.55 -16.87 -22.64
CA GLN D 284 6.23 -17.37 -23.08
C GLN D 284 5.98 -17.01 -24.54
N ILE D 285 6.49 -15.85 -24.95
CA ILE D 285 6.31 -15.32 -26.30
C ILE D 285 7.12 -16.12 -27.34
N ARG D 286 8.40 -16.38 -27.05
CA ARG D 286 9.23 -17.18 -27.95
C ARG D 286 8.71 -18.61 -27.99
N GLU D 287 7.93 -18.96 -26.97
CA GLU D 287 7.28 -20.26 -26.92
C GLU D 287 6.10 -20.29 -27.90
N LYS D 288 5.10 -19.46 -27.64
CA LYS D 288 3.88 -19.46 -28.43
C LYS D 288 4.10 -19.08 -29.90
N PHE D 289 5.07 -18.22 -30.15
CA PHE D 289 5.35 -17.77 -31.51
C PHE D 289 6.65 -18.36 -32.01
N SER D 290 6.97 -19.56 -31.51
CA SER D 290 8.20 -20.24 -31.88
C SER D 290 8.30 -20.43 -33.39
N ASP D 291 7.16 -20.46 -34.05
CA ASP D 291 7.09 -20.65 -35.49
C ASP D 291 7.31 -19.35 -36.27
N LYS D 292 7.87 -18.34 -35.60
CA LYS D 292 8.11 -17.03 -36.22
C LYS D 292 9.40 -16.44 -35.68
N VAL D 293 9.96 -15.49 -36.44
CA VAL D 293 11.12 -14.73 -35.98
C VAL D 293 10.68 -13.76 -34.90
N VAL D 294 11.21 -13.92 -33.70
CA VAL D 294 10.94 -12.97 -32.62
C VAL D 294 12.11 -12.00 -32.43
N ALA D 295 11.79 -10.71 -32.34
CA ALA D 295 12.82 -9.69 -32.12
C ALA D 295 12.35 -8.72 -31.05
N GLU D 296 13.28 -8.02 -30.41
CA GLU D 296 12.92 -7.11 -29.32
C GLU D 296 13.34 -5.66 -29.59
N VAL D 297 12.54 -4.73 -29.06
CA VAL D 297 12.89 -3.32 -29.06
C VAL D 297 12.85 -2.81 -27.62
N PRO D 298 13.99 -2.32 -27.12
CA PRO D 298 13.94 -1.93 -25.70
C PRO D 298 13.08 -0.69 -25.45
N LEU D 299 12.56 -0.57 -24.23
CA LEU D 299 12.00 0.70 -23.80
C LEU D 299 13.13 1.71 -23.69
N LEU D 300 12.92 2.92 -24.22
CA LEU D 300 13.81 4.06 -24.05
C LEU D 300 13.48 4.80 -22.76
N LYS D 301 14.38 5.66 -22.30
CA LYS D 301 14.11 6.50 -21.13
C LYS D 301 13.41 7.81 -21.53
N LYS D 302 12.94 7.84 -22.77
CA LYS D 302 12.12 8.93 -23.25
C LYS D 302 11.06 8.32 -24.15
N GLU D 303 10.16 9.14 -24.68
CA GLU D 303 9.15 8.68 -25.60
C GLU D 303 9.71 8.44 -26.99
N ALA D 304 9.22 7.41 -27.65
CA ALA D 304 9.55 7.17 -29.04
C ALA D 304 8.75 8.13 -29.92
N LYS D 305 9.42 9.16 -30.40
CA LYS D 305 8.81 10.11 -31.34
C LYS D 305 9.92 10.94 -31.97
N GLY D 306 9.63 11.51 -33.13
CA GLY D 306 10.61 12.34 -33.81
C GLY D 306 11.55 11.50 -34.63
N ILE D 307 11.94 12.01 -35.79
CA ILE D 307 12.74 11.25 -36.75
C ILE D 307 14.04 10.69 -36.17
N GLU D 308 14.78 11.51 -35.43
CA GLU D 308 16.03 11.06 -34.81
C GLU D 308 15.91 9.78 -33.96
N THR D 309 15.00 9.79 -32.99
CA THR D 309 14.79 8.63 -32.12
C THR D 309 14.26 7.41 -32.88
N LEU D 310 13.39 7.65 -33.86
CA LEU D 310 12.86 6.57 -34.68
C LEU D 310 13.96 5.87 -35.49
N GLU D 311 14.85 6.65 -36.08
CA GLU D 311 15.95 6.08 -36.85
C GLU D 311 16.88 5.24 -35.97
N LYS D 312 17.08 5.69 -34.73
CA LYS D 312 17.87 4.91 -33.78
C LYS D 312 17.20 3.57 -33.43
N ILE D 313 15.91 3.62 -33.10
CA ILE D 313 15.16 2.38 -32.86
C ILE D 313 15.27 1.43 -34.04
N ALA D 314 15.04 1.95 -35.24
CA ALA D 314 15.08 1.11 -36.45
C ALA D 314 16.47 0.55 -36.64
N GLU D 315 17.46 1.36 -36.31
CA GLU D 315 18.86 0.95 -36.47
C GLU D 315 19.18 -0.24 -35.57
N GLN D 316 18.67 -0.22 -34.35
CA GLN D 316 18.91 -1.29 -33.38
C GLN D 316 18.23 -2.60 -33.76
N LEU D 317 17.19 -2.51 -34.59
CA LEU D 317 16.37 -3.67 -34.91
C LEU D 317 16.80 -4.31 -36.25
N TYR D 318 17.21 -3.46 -37.18
CA TYR D 318 17.44 -3.85 -38.57
C TYR D 318 18.92 -3.78 -38.96
N GLY D 319 19.67 -2.93 -38.25
CA GLY D 319 21.06 -2.68 -38.59
C GLY D 319 21.18 -1.32 -39.24
N GLU D 320 22.21 -1.13 -40.04
CA GLU D 320 22.39 0.14 -40.75
C GLU D 320 21.85 0.02 -42.17
N PRO D 321 21.12 1.05 -42.62
CA PRO D 321 20.60 1.05 -43.99
C PRO D 321 21.71 1.35 -45.00
#